data_2HRP
#
_entry.id   2HRP
#
_cell.length_a   82.300
_cell.length_b   96.310
_cell.length_c   105.860
_cell.angle_alpha   90.00
_cell.angle_beta   90.00
_cell.angle_gamma   90.00
#
_symmetry.space_group_name_H-M   'P 21 21 21'
#
loop_
_entity.id
_entity.type
_entity.pdbx_description
1 polymer 'MONOCLONAL ANTIBODY F11.2.32'
2 polymer 'MONOCLONAL ANTIBODY F11.2.32'
3 polymer 'HIV-1 PROTEASE PEPTIDE'
4 water water
#
loop_
_entity_poly.entity_id
_entity_poly.type
_entity_poly.pdbx_seq_one_letter_code
_entity_poly.pdbx_strand_id
1 'polypeptide(L)'
;DTVLTQSPASLAVSLGQRATISCRASESVDYYGKSFMNWFQQKPGQPPKLLIYAASNQGSGVPARFSGSGSGTDFSLHIH
PMEEDDSAMYFCQQSKEVPWTFGGGTKLEIKRADAAPTVSIFPPSSEQLTSGGASVVCFLNNFYPKDINVKWKIDGSERQ
NGVLNSWTDQDSKDSTYSMSSTLTLTKDEYERHNSYTCEATHKTSTSPIVKSFNRNEC
;
L,M
2 'polypeptide(L)'
;DVQLVESGGGLVQPGGSRKLSCAASGFTFMRFGMHWVRQAPEKGLEWVAYISSGSSTIYYADTVKGRFTISRDNPKNTLF
LQMTSLRSEDTALYYCARSGGIERYDGTYYVMDYWGQGTSVTVSSAKTTPPSVYPLAPGSAAQTNSMVTLGCLVKGYFPE
PVTVTWNSGSLSSGVHTFPAVLQSDLYTLSSSVTVPSSPRPSETVTCNVAHPASSTKVDKKIVPRD
;
H,N
3 'polypeptide(L)' MSLPGRWKPK P,Q
#
# COMPACT_ATOMS: atom_id res chain seq x y z
N ASP A 1 1.54 24.20 31.43
CA ASP A 1 0.83 23.83 30.18
C ASP A 1 -0.40 23.03 30.55
N THR A 2 -1.37 22.97 29.65
CA THR A 2 -2.55 22.17 29.95
C THR A 2 -2.23 20.74 29.49
N VAL A 3 -2.25 19.83 30.45
CA VAL A 3 -1.94 18.44 30.22
C VAL A 3 -3.22 17.71 29.84
N LEU A 4 -3.10 16.82 28.85
CA LEU A 4 -4.22 16.02 28.33
C LEU A 4 -4.03 14.55 28.68
N THR A 5 -4.99 14.02 29.42
CA THR A 5 -4.96 12.61 29.84
C THR A 5 -5.93 11.86 28.94
N GLN A 6 -5.36 11.03 28.06
CA GLN A 6 -6.15 10.27 27.09
C GLN A 6 -6.37 8.82 27.45
N SER A 7 -7.63 8.42 27.52
CA SER A 7 -7.93 7.03 27.85
C SER A 7 -8.94 6.38 26.88
N PRO A 8 -8.84 5.06 26.65
CA PRO A 8 -7.84 4.18 27.25
C PRO A 8 -6.56 4.26 26.43
N ALA A 9 -5.47 3.73 26.95
CA ALA A 9 -4.20 3.74 26.26
C ALA A 9 -4.31 2.91 25.00
N SER A 10 -5.24 1.96 25.01
CA SER A 10 -5.48 1.11 23.85
C SER A 10 -6.82 0.40 24.03
N LEU A 11 -7.38 -0.07 22.93
CA LEU A 11 -8.64 -0.79 22.99
C LEU A 11 -8.80 -1.62 21.75
N ALA A 12 -9.72 -2.57 21.84
CA ALA A 12 -10.05 -3.51 20.78
C ALA A 12 -11.56 -3.54 20.68
N VAL A 13 -12.06 -3.19 19.50
CA VAL A 13 -13.49 -3.11 19.26
C VAL A 13 -13.84 -3.96 18.02
N SER A 14 -14.95 -4.67 18.09
CA SER A 14 -15.41 -5.50 16.99
C SER A 14 -15.98 -4.63 15.86
N LEU A 15 -15.85 -5.10 14.63
CA LEU A 15 -16.39 -4.37 13.49
C LEU A 15 -17.89 -4.17 13.76
N GLY A 16 -18.39 -3.00 13.42
CA GLY A 16 -19.80 -2.73 13.63
C GLY A 16 -20.08 -2.06 14.93
N GLN A 17 -19.13 -2.13 15.86
CA GLN A 17 -19.31 -1.55 17.18
C GLN A 17 -18.76 -0.14 17.30
N ARG A 18 -19.04 0.51 18.42
CA ARG A 18 -18.55 1.86 18.67
C ARG A 18 -17.29 1.78 19.47
N ALA A 19 -16.36 2.67 19.16
CA ALA A 19 -15.09 2.79 19.85
C ALA A 19 -15.08 4.23 20.33
N THR A 20 -15.00 4.41 21.64
CA THR A 20 -14.94 5.74 22.21
C THR A 20 -13.60 5.93 22.93
N ILE A 21 -12.98 7.07 22.68
CA ILE A 21 -11.70 7.44 23.27
C ILE A 21 -11.97 8.74 24.01
N SER A 22 -11.46 8.83 25.23
CA SER A 22 -11.66 9.99 26.06
C SER A 22 -10.38 10.78 26.26
N CYS A 23 -10.55 12.06 26.55
CA CYS A 23 -9.42 12.95 26.73
C CYS A 23 -9.82 14.01 27.75
N ARG A 24 -9.07 14.08 28.84
CA ARG A 24 -9.29 15.02 29.93
C ARG A 24 -8.20 16.09 29.92
N ALA A 25 -8.60 17.36 30.00
CA ALA A 25 -7.63 18.45 29.99
C ALA A 25 -7.43 18.91 31.44
N SER A 26 -6.21 19.29 31.80
CA SER A 26 -5.92 19.74 33.17
C SER A 26 -6.58 21.09 33.43
N GLU A 27 -6.78 21.82 32.34
CA GLU A 27 -7.41 23.13 32.36
C GLU A 27 -8.46 23.20 31.25
N SER A 28 -9.52 23.94 31.47
CA SER A 28 -10.57 24.08 30.47
C SER A 28 -9.96 24.58 29.16
N VAL A 29 -10.44 24.06 28.03
CA VAL A 29 -9.92 24.51 26.74
C VAL A 29 -10.98 25.34 26.02
N ASP A 30 -12.00 25.75 26.76
CA ASP A 30 -13.05 26.56 26.20
C ASP A 30 -12.55 27.99 26.03
N TYR A 31 -12.87 28.63 24.92
CA TYR A 31 -12.41 29.98 24.64
C TYR A 31 -13.39 30.64 23.70
N TYR A 32 -14.05 31.71 24.18
CA TYR A 32 -15.03 32.45 23.40
C TYR A 32 -16.17 31.59 22.84
N GLY A 33 -16.77 30.79 23.72
CA GLY A 33 -17.86 29.92 23.30
C GLY A 33 -17.52 28.71 22.42
N LYS A 34 -16.23 28.47 22.18
CA LYS A 34 -15.79 27.34 21.36
C LYS A 34 -14.90 26.44 22.23
N SER A 35 -14.67 25.20 21.82
CA SER A 35 -13.78 24.29 22.56
C SER A 35 -12.61 23.93 21.68
N PHE A 36 -11.42 24.42 22.06
CA PHE A 36 -10.20 24.18 21.29
C PHE A 36 -9.66 22.78 21.48
N MET A 37 -10.45 21.82 21.01
CA MET A 37 -10.15 20.41 21.12
C MET A 37 -10.19 19.74 19.73
N ASN A 38 -9.08 19.11 19.35
CA ASN A 38 -8.92 18.44 18.05
C ASN A 38 -8.48 16.96 18.18
N TRP A 39 -8.77 16.14 17.17
CA TRP A 39 -8.42 14.71 17.17
C TRP A 39 -7.81 14.30 15.85
N PHE A 40 -6.73 13.52 15.94
CA PHE A 40 -6.00 13.04 14.78
C PHE A 40 -5.96 11.51 14.75
N GLN A 41 -5.90 10.98 13.53
CA GLN A 41 -5.80 9.55 13.26
C GLN A 41 -4.42 9.35 12.65
N GLN A 42 -3.65 8.44 13.19
CA GLN A 42 -2.35 8.17 12.62
C GLN A 42 -2.19 6.70 12.28
N LYS A 43 -2.14 6.39 10.98
CA LYS A 43 -1.97 5.04 10.53
C LYS A 43 -0.47 4.72 10.58
N PRO A 44 -0.11 3.45 10.85
CA PRO A 44 1.29 3.07 10.90
C PRO A 44 2.11 3.46 9.66
N GLY A 45 3.26 4.10 9.91
CA GLY A 45 4.13 4.54 8.84
C GLY A 45 3.53 5.72 8.07
N GLN A 46 2.46 6.28 8.61
CA GLN A 46 1.79 7.39 7.95
C GLN A 46 1.68 8.60 8.84
N PRO A 47 1.55 9.79 8.22
CA PRO A 47 1.42 11.01 9.02
C PRO A 47 0.04 11.10 9.63
N PRO A 48 -0.09 11.92 10.67
CA PRO A 48 -1.38 12.11 11.34
C PRO A 48 -2.35 12.80 10.37
N LYS A 49 -3.63 12.58 10.59
CA LYS A 49 -4.68 13.15 9.75
C LYS A 49 -5.72 13.74 10.67
N LEU A 50 -6.14 14.95 10.37
CA LEU A 50 -7.15 15.63 11.15
C LEU A 50 -8.53 14.94 10.94
N LEU A 51 -9.21 14.73 12.05
CA LEU A 51 -10.49 14.06 12.06
C LEU A 51 -11.58 14.99 12.49
N ILE A 52 -11.37 15.59 13.66
CA ILE A 52 -12.32 16.48 14.30
C ILE A 52 -11.58 17.73 14.76
N TYR A 53 -12.17 18.91 14.57
CA TYR A 53 -11.59 20.16 15.05
C TYR A 53 -12.71 20.84 15.83
N ALA A 54 -12.36 21.75 16.74
CA ALA A 54 -13.35 22.45 17.58
C ALA A 54 -14.35 21.53 18.32
N ALA A 55 -13.83 20.41 18.82
CA ALA A 55 -14.59 19.42 19.59
C ALA A 55 -15.56 18.50 18.89
N SER A 56 -16.28 19.01 17.90
CA SER A 56 -17.29 18.19 17.23
C SER A 56 -17.43 18.47 15.74
N ASN A 57 -16.44 19.10 15.14
CA ASN A 57 -16.54 19.39 13.73
C ASN A 57 -15.65 18.44 12.94
N GLN A 58 -16.25 17.73 11.98
CA GLN A 58 -15.50 16.79 11.17
C GLN A 58 -14.66 17.49 10.12
N GLY A 59 -13.42 17.06 9.97
CA GLY A 59 -12.53 17.64 9.00
C GLY A 59 -12.90 17.21 7.58
N SER A 60 -12.21 17.82 6.61
CA SER A 60 -12.39 17.60 5.17
C SER A 60 -12.94 16.26 4.69
N GLY A 61 -12.07 15.27 4.57
CA GLY A 61 -12.54 13.98 4.08
C GLY A 61 -12.79 13.00 5.20
N VAL A 62 -13.54 13.44 6.21
CA VAL A 62 -13.84 12.59 7.36
C VAL A 62 -15.24 11.98 7.34
N PRO A 63 -15.33 10.63 7.36
CA PRO A 63 -16.57 9.86 7.36
C PRO A 63 -17.49 10.26 8.50
N ALA A 64 -18.79 10.07 8.32
CA ALA A 64 -19.73 10.44 9.36
C ALA A 64 -19.59 9.55 10.58
N ARG A 65 -18.90 8.42 10.40
CA ARG A 65 -18.68 7.46 11.50
C ARG A 65 -17.82 8.06 12.60
N PHE A 66 -17.09 9.12 12.27
CA PHE A 66 -16.24 9.77 13.24
C PHE A 66 -16.94 10.97 13.87
N SER A 67 -17.26 10.87 15.15
CA SER A 67 -17.89 11.98 15.86
C SER A 67 -17.07 12.40 17.08
N GLY A 68 -17.42 13.56 17.65
CA GLY A 68 -16.69 14.02 18.80
C GLY A 68 -17.63 14.83 19.65
N SER A 69 -17.45 14.76 20.95
CA SER A 69 -18.31 15.48 21.88
C SER A 69 -17.50 15.98 23.08
N GLY A 70 -18.12 16.86 23.85
CA GLY A 70 -17.44 17.39 25.03
C GLY A 70 -17.20 18.87 25.03
N SER A 71 -16.82 19.38 26.20
CA SER A 71 -16.54 20.80 26.40
C SER A 71 -15.76 20.93 27.71
N GLY A 72 -15.19 22.10 27.94
CA GLY A 72 -14.44 22.34 29.15
C GLY A 72 -13.17 21.54 29.23
N THR A 73 -13.20 20.49 30.04
CA THR A 73 -12.02 19.63 30.22
C THR A 73 -12.35 18.19 29.85
N ASP A 74 -13.62 17.95 29.54
CA ASP A 74 -14.17 16.62 29.22
C ASP A 74 -14.45 16.42 27.74
N PHE A 75 -13.69 15.55 27.07
CA PHE A 75 -13.85 15.26 25.64
C PHE A 75 -13.75 13.80 25.17
N SER A 76 -14.53 13.45 24.17
CA SER A 76 -14.48 12.10 23.62
C SER A 76 -14.60 12.06 22.09
N LEU A 77 -13.93 11.08 21.48
CA LEU A 77 -13.99 10.86 20.04
C LEU A 77 -14.75 9.54 19.93
N HIS A 78 -15.74 9.48 19.03
CA HIS A 78 -16.53 8.28 18.86
C HIS A 78 -16.38 7.77 17.43
N ILE A 79 -16.27 6.44 17.28
CA ILE A 79 -16.14 5.83 15.97
C ILE A 79 -17.14 4.68 15.90
N HIS A 80 -18.24 4.90 15.17
CA HIS A 80 -19.30 3.92 15.01
C HIS A 80 -20.00 4.14 13.64
N PRO A 81 -20.16 3.06 12.85
CA PRO A 81 -19.68 1.73 13.26
C PRO A 81 -18.19 1.60 12.98
N MET A 82 -17.52 0.79 13.78
CA MET A 82 -16.11 0.51 13.62
C MET A 82 -15.93 -0.32 12.30
N GLU A 83 -14.96 0.05 11.47
CA GLU A 83 -14.68 -0.67 10.23
C GLU A 83 -13.22 -1.09 10.11
N GLU A 84 -12.97 -1.94 9.12
CA GLU A 84 -11.65 -2.48 8.85
C GLU A 84 -10.42 -1.55 8.93
N ASP A 85 -10.42 -0.48 8.13
CA ASP A 85 -9.30 0.44 8.14
C ASP A 85 -9.30 1.43 9.28
N ASP A 86 -10.05 1.16 10.34
CA ASP A 86 -10.07 2.08 11.48
C ASP A 86 -8.93 1.82 12.46
N SER A 87 -8.35 0.62 12.40
CA SER A 87 -7.23 0.27 13.26
C SER A 87 -6.12 1.32 13.09
N ALA A 88 -5.81 2.06 14.16
CA ALA A 88 -4.78 3.11 14.13
C ALA A 88 -4.54 3.73 15.52
N MET A 89 -3.59 4.66 15.56
CA MET A 89 -3.28 5.42 16.76
C MET A 89 -4.09 6.72 16.68
N TYR A 90 -4.78 7.10 17.75
CA TYR A 90 -5.55 8.33 17.76
C TYR A 90 -5.03 9.27 18.85
N PHE A 91 -5.03 10.58 18.58
CA PHE A 91 -4.55 11.57 19.54
C PHE A 91 -5.47 12.77 19.65
N CYS A 92 -5.68 13.24 20.88
CA CYS A 92 -6.45 14.44 21.09
C CYS A 92 -5.40 15.51 21.18
N GLN A 93 -5.80 16.76 21.05
CA GLN A 93 -4.88 17.89 21.10
C GLN A 93 -5.65 19.16 21.43
N GLN A 94 -5.05 20.04 22.23
CA GLN A 94 -5.70 21.31 22.52
C GLN A 94 -4.97 22.42 21.75
N SER A 95 -5.75 23.35 21.21
CA SER A 95 -5.17 24.44 20.44
C SER A 95 -5.49 25.79 21.10
N LYS A 96 -5.84 25.77 22.38
CA LYS A 96 -6.17 27.01 23.07
C LYS A 96 -4.93 27.73 23.57
N GLU A 97 -3.97 26.98 24.09
CA GLU A 97 -2.77 27.56 24.65
C GLU A 97 -1.54 27.10 23.95
N VAL A 98 -0.49 27.89 24.12
CA VAL A 98 0.81 27.55 23.59
C VAL A 98 1.53 27.10 24.87
N PRO A 99 2.22 25.96 24.83
CA PRO A 99 2.38 25.03 23.71
C PRO A 99 1.15 24.18 23.37
N TRP A 100 1.10 23.75 22.11
CA TRP A 100 0.03 22.88 21.64
C TRP A 100 0.36 21.55 22.28
N THR A 101 -0.64 20.92 22.89
CA THR A 101 -0.42 19.63 23.55
C THR A 101 -1.31 18.52 22.99
N PHE A 102 -0.75 17.32 22.99
CA PHE A 102 -1.45 16.14 22.52
C PHE A 102 -1.67 15.12 23.64
N GLY A 103 -2.71 14.31 23.47
CA GLY A 103 -2.97 13.26 24.44
C GLY A 103 -1.87 12.24 24.22
N GLY A 104 -1.76 11.26 25.13
CA GLY A 104 -0.73 10.24 25.01
C GLY A 104 -0.97 9.31 23.85
N GLY A 105 -2.22 9.31 23.37
CA GLY A 105 -2.62 8.50 22.24
C GLY A 105 -3.24 7.18 22.67
N THR A 106 -4.00 6.58 21.76
CA THR A 106 -4.59 5.27 22.02
C THR A 106 -4.55 4.43 20.76
N LYS A 107 -4.05 3.21 20.91
CA LYS A 107 -3.98 2.26 19.82
C LYS A 107 -5.31 1.56 19.74
N LEU A 108 -6.03 1.78 18.65
CA LEU A 108 -7.33 1.16 18.44
C LEU A 108 -7.14 -0.02 17.54
N GLU A 109 -7.51 -1.21 17.99
CA GLU A 109 -7.37 -2.38 17.15
C GLU A 109 -8.69 -3.09 16.95
N ILE A 110 -8.77 -3.80 15.84
CA ILE A 110 -9.96 -4.55 15.51
C ILE A 110 -9.91 -5.82 16.32
N LYS A 111 -10.99 -6.09 17.04
CA LYS A 111 -11.08 -7.30 17.80
C LYS A 111 -11.67 -8.33 16.82
N ARG A 112 -10.87 -9.32 16.49
CA ARG A 112 -11.26 -10.37 15.58
C ARG A 112 -11.17 -11.70 16.31
N ALA A 113 -11.67 -12.76 15.69
CA ALA A 113 -11.64 -14.11 16.29
C ALA A 113 -10.22 -14.52 16.65
N ASP A 114 -10.08 -15.42 17.62
CA ASP A 114 -8.77 -15.90 18.02
C ASP A 114 -8.21 -16.80 16.95
N ALA A 115 -6.96 -16.56 16.60
CA ALA A 115 -6.27 -17.32 15.57
C ALA A 115 -4.92 -17.70 16.13
N ALA A 116 -4.53 -18.95 15.93
CA ALA A 116 -3.25 -19.44 16.42
C ALA A 116 -2.19 -19.13 15.36
N PRO A 117 -0.93 -18.91 15.77
CA PRO A 117 0.20 -18.60 14.90
C PRO A 117 0.76 -19.73 14.07
N THR A 118 1.46 -19.35 13.00
CA THR A 118 2.12 -20.32 12.14
C THR A 118 3.60 -20.18 12.52
N VAL A 119 4.12 -21.21 13.20
CA VAL A 119 5.50 -21.22 13.68
C VAL A 119 6.50 -21.92 12.76
N SER A 120 7.57 -21.21 12.41
CA SER A 120 8.60 -21.77 11.57
C SER A 120 9.94 -21.37 12.18
N ILE A 121 10.87 -22.32 12.20
CA ILE A 121 12.19 -22.09 12.78
C ILE A 121 13.29 -22.18 11.70
N PHE A 122 14.33 -21.39 11.87
CA PHE A 122 15.42 -21.39 10.92
C PHE A 122 16.77 -21.46 11.59
N PRO A 123 17.66 -22.29 11.03
CA PRO A 123 19.03 -22.53 11.50
C PRO A 123 19.93 -21.43 10.98
N PRO A 124 21.12 -21.28 11.60
CA PRO A 124 22.05 -20.25 11.16
C PRO A 124 22.43 -20.55 9.68
N SER A 125 22.61 -19.51 8.87
CA SER A 125 22.98 -19.70 7.47
C SER A 125 24.48 -19.99 7.38
N SER A 126 24.88 -20.65 6.30
CA SER A 126 26.28 -20.96 6.08
C SER A 126 27.11 -19.68 6.13
N GLU A 127 26.61 -18.65 5.46
CA GLU A 127 27.32 -17.39 5.43
C GLU A 127 27.50 -16.76 6.80
N GLN A 128 26.54 -16.93 7.68
CA GLN A 128 26.73 -16.33 9.00
C GLN A 128 27.75 -17.11 9.82
N LEU A 129 27.76 -18.43 9.64
CA LEU A 129 28.70 -19.25 10.39
C LEU A 129 30.12 -18.96 9.94
N THR A 130 30.26 -18.61 8.66
CA THR A 130 31.55 -18.27 8.08
C THR A 130 32.04 -17.03 8.80
N SER A 131 31.11 -16.14 9.17
CA SER A 131 31.45 -14.91 9.87
C SER A 131 31.77 -15.14 11.35
N GLY A 132 31.44 -16.33 11.84
CA GLY A 132 31.68 -16.63 13.24
C GLY A 132 30.46 -16.32 14.07
N GLY A 133 29.29 -16.26 13.41
CA GLY A 133 28.05 -15.98 14.12
C GLY A 133 27.01 -17.09 13.97
N ALA A 134 25.97 -17.05 14.80
CA ALA A 134 24.91 -18.04 14.73
C ALA A 134 23.57 -17.55 15.29
N SER A 135 22.73 -17.00 14.42
CA SER A 135 21.41 -16.54 14.85
C SER A 135 20.38 -17.57 14.43
N VAL A 136 19.51 -17.94 15.36
CA VAL A 136 18.45 -18.91 15.11
C VAL A 136 17.21 -18.04 15.13
N VAL A 137 16.34 -18.23 14.15
CA VAL A 137 15.16 -17.39 14.05
C VAL A 137 13.87 -18.16 14.17
N CYS A 138 12.89 -17.54 14.80
CA CYS A 138 11.57 -18.13 14.91
C CYS A 138 10.51 -17.12 14.46
N PHE A 139 9.72 -17.48 13.46
CA PHE A 139 8.63 -16.60 12.99
C PHE A 139 7.33 -17.20 13.53
N LEU A 140 6.51 -16.34 14.13
CA LEU A 140 5.21 -16.72 14.70
C LEU A 140 4.26 -15.77 13.95
N ASN A 141 3.78 -16.21 12.80
CA ASN A 141 2.93 -15.37 11.97
C ASN A 141 1.44 -15.52 12.07
N ASN A 142 0.76 -14.41 11.84
CA ASN A 142 -0.68 -14.34 11.81
C ASN A 142 -1.48 -14.92 12.97
N PHE A 143 -1.38 -14.34 14.14
CA PHE A 143 -2.16 -14.83 15.26
C PHE A 143 -2.96 -13.67 15.87
N TYR A 144 -3.93 -14.00 16.73
CA TYR A 144 -4.74 -13.03 17.43
C TYR A 144 -5.27 -13.73 18.69
N PRO A 145 -5.17 -13.08 19.87
CA PRO A 145 -4.62 -11.75 20.16
C PRO A 145 -3.10 -11.60 20.10
N LYS A 146 -2.66 -10.36 20.19
CA LYS A 146 -1.24 -10.04 20.13
C LYS A 146 -0.39 -10.72 21.21
N ASP A 147 -0.99 -11.00 22.36
CA ASP A 147 -0.27 -11.62 23.46
C ASP A 147 0.16 -13.02 23.12
N ILE A 148 1.44 -13.29 23.36
CA ILE A 148 2.01 -14.60 23.06
C ILE A 148 3.41 -14.71 23.71
N ASN A 149 3.75 -15.85 24.29
CA ASN A 149 5.08 -15.97 24.87
C ASN A 149 5.89 -17.00 24.11
N VAL A 150 7.15 -16.70 23.87
CA VAL A 150 8.04 -17.60 23.17
C VAL A 150 9.22 -17.90 24.08
N LYS A 151 9.53 -19.17 24.31
CA LYS A 151 10.72 -19.49 25.10
C LYS A 151 11.71 -20.24 24.19
N TRP A 152 12.99 -19.94 24.35
CA TRP A 152 14.02 -20.62 23.58
C TRP A 152 14.61 -21.70 24.45
N LYS A 153 14.93 -22.84 23.84
CA LYS A 153 15.52 -23.98 24.54
C LYS A 153 16.71 -24.44 23.77
N ILE A 154 17.77 -24.76 24.48
CA ILE A 154 19.00 -25.25 23.89
C ILE A 154 19.27 -26.56 24.63
N ASP A 155 19.14 -27.67 23.91
CA ASP A 155 19.28 -29.00 24.48
C ASP A 155 18.27 -29.11 25.62
N GLY A 156 17.08 -28.61 25.39
CA GLY A 156 16.04 -28.67 26.38
C GLY A 156 16.13 -27.64 27.50
N SER A 157 17.25 -26.93 27.59
CA SER A 157 17.42 -25.91 28.62
C SER A 157 17.00 -24.51 28.13
N GLU A 158 16.11 -23.85 28.88
CA GLU A 158 15.65 -22.52 28.55
C GLU A 158 16.76 -21.50 28.49
N ARG A 159 16.78 -20.71 27.43
CA ARG A 159 17.79 -19.70 27.25
C ARG A 159 17.26 -18.27 27.39
N GLN A 160 17.95 -17.47 28.17
CA GLN A 160 17.58 -16.08 28.40
C GLN A 160 18.86 -15.28 28.30
N ASN A 161 19.09 -14.72 27.13
CA ASN A 161 20.25 -13.92 26.77
C ASN A 161 20.50 -14.13 25.29
N GLY A 162 20.86 -13.04 24.62
CA GLY A 162 21.13 -13.08 23.20
C GLY A 162 19.91 -13.31 22.33
N VAL A 163 18.73 -12.98 22.82
CA VAL A 163 17.49 -13.16 22.05
C VAL A 163 16.74 -11.83 21.80
N LEU A 164 16.49 -11.47 20.55
CA LEU A 164 15.75 -10.25 20.27
C LEU A 164 14.37 -10.51 19.66
N ASN A 165 13.36 -9.83 20.17
CA ASN A 165 12.00 -10.03 19.67
C ASN A 165 11.44 -8.79 18.98
N SER A 166 10.37 -8.99 18.23
CA SER A 166 9.70 -7.90 17.52
C SER A 166 8.32 -8.32 17.01
N TRP A 167 7.34 -7.43 17.16
CA TRP A 167 5.97 -7.68 16.70
C TRP A 167 5.54 -6.72 15.59
N THR A 168 4.85 -7.25 14.58
CA THR A 168 4.34 -6.43 13.49
C THR A 168 3.08 -5.76 14.07
N ASP A 169 2.58 -4.71 13.42
CA ASP A 169 1.36 -4.06 13.89
C ASP A 169 0.19 -4.82 13.29
N GLN A 170 -0.99 -4.69 13.87
CA GLN A 170 -2.16 -5.39 13.35
C GLN A 170 -2.32 -5.24 11.85
N ASP A 171 -2.29 -6.35 11.14
CA ASP A 171 -2.39 -6.34 9.69
C ASP A 171 -3.67 -5.84 9.05
N SER A 172 -3.49 -5.18 7.91
CA SER A 172 -4.57 -4.58 7.14
C SER A 172 -5.67 -5.45 6.56
N LYS A 173 -5.35 -6.67 6.16
CA LYS A 173 -6.40 -7.49 5.60
C LYS A 173 -7.01 -8.48 6.58
N ASP A 174 -6.19 -9.15 7.38
CA ASP A 174 -6.72 -10.14 8.32
C ASP A 174 -6.82 -9.70 9.77
N SER A 175 -6.26 -8.52 10.07
CA SER A 175 -6.30 -7.97 11.41
C SER A 175 -5.59 -8.82 12.47
N THR A 176 -4.56 -9.54 12.03
CA THR A 176 -3.76 -10.40 12.89
C THR A 176 -2.42 -9.74 13.22
N TYR A 177 -1.64 -10.40 14.06
CA TYR A 177 -0.31 -9.95 14.45
C TYR A 177 0.71 -11.02 14.06
N SER A 178 1.97 -10.63 13.98
CA SER A 178 3.04 -11.57 13.68
C SER A 178 4.21 -11.18 14.58
N MET A 179 5.00 -12.15 14.99
CA MET A 179 6.13 -11.89 15.83
C MET A 179 7.37 -12.60 15.28
N SER A 180 8.55 -12.09 15.64
CA SER A 180 9.82 -12.66 15.22
C SER A 180 10.69 -12.74 16.48
N SER A 181 11.49 -13.81 16.60
CA SER A 181 12.36 -13.96 17.75
C SER A 181 13.66 -14.56 17.24
N THR A 182 14.78 -13.95 17.59
CA THR A 182 16.08 -14.44 17.14
C THR A 182 16.98 -14.64 18.37
N LEU A 183 17.70 -15.75 18.37
CA LEU A 183 18.62 -16.12 19.44
C LEU A 183 19.95 -16.08 18.73
N THR A 184 20.88 -15.26 19.21
CA THR A 184 22.18 -15.20 18.59
C THR A 184 23.28 -15.68 19.52
N LEU A 185 24.10 -16.60 19.03
CA LEU A 185 25.23 -17.15 19.79
C LEU A 185 26.43 -16.99 18.85
N THR A 186 27.64 -17.34 19.32
CA THR A 186 28.78 -17.28 18.42
C THR A 186 28.77 -18.65 17.73
N LYS A 187 29.53 -18.80 16.65
CA LYS A 187 29.59 -20.07 15.96
C LYS A 187 30.12 -21.14 16.91
N ASP A 188 31.13 -20.78 17.70
CA ASP A 188 31.73 -21.75 18.62
C ASP A 188 30.75 -22.26 19.70
N GLU A 189 29.95 -21.38 20.29
CA GLU A 189 28.98 -21.81 21.31
C GLU A 189 27.78 -22.57 20.68
N TYR A 190 27.37 -22.14 19.48
CA TYR A 190 26.26 -22.78 18.78
C TYR A 190 26.66 -24.22 18.49
N GLU A 191 27.92 -24.40 18.09
CA GLU A 191 28.45 -25.72 17.77
C GLU A 191 28.67 -26.60 18.97
N ARG A 192 28.32 -26.08 20.14
CA ARG A 192 28.48 -26.85 21.36
C ARG A 192 27.18 -27.54 21.74
N HIS A 193 26.10 -27.25 21.00
CA HIS A 193 24.80 -27.84 21.30
C HIS A 193 24.17 -28.59 20.17
N ASN A 194 23.15 -29.38 20.46
CA ASN A 194 22.52 -30.19 19.44
C ASN A 194 21.13 -29.70 19.06
N SER A 195 20.28 -29.49 20.06
CA SER A 195 18.91 -29.12 19.82
C SER A 195 18.61 -27.65 20.13
N TYR A 196 17.84 -27.02 19.23
CA TYR A 196 17.41 -25.63 19.36
C TYR A 196 15.90 -25.63 19.19
N THR A 197 15.19 -25.03 20.14
CA THR A 197 13.74 -25.04 20.10
C THR A 197 13.01 -23.72 20.34
N CYS A 198 12.00 -23.49 19.52
CA CYS A 198 11.15 -22.33 19.61
C CYS A 198 9.86 -22.90 20.15
N GLU A 199 9.45 -22.42 21.31
CA GLU A 199 8.23 -22.91 21.95
C GLU A 199 7.38 -21.68 22.20
N ALA A 200 6.16 -21.72 21.74
CA ALA A 200 5.29 -20.55 21.87
C ALA A 200 3.95 -20.82 22.55
N THR A 201 3.65 -20.05 23.59
CA THR A 201 2.39 -20.21 24.27
C THR A 201 1.49 -19.04 23.92
N HIS A 202 0.33 -19.35 23.33
CA HIS A 202 -0.65 -18.35 22.92
C HIS A 202 -2.03 -18.80 23.39
N LYS A 203 -2.90 -17.83 23.66
CA LYS A 203 -4.26 -18.06 24.13
C LYS A 203 -5.06 -19.15 23.42
N THR A 204 -4.65 -19.51 22.23
CA THR A 204 -5.36 -20.53 21.47
C THR A 204 -5.12 -21.98 21.88
N SER A 205 -4.33 -22.20 22.94
CA SER A 205 -4.06 -23.56 23.42
C SER A 205 -3.30 -23.59 24.74
N THR A 206 -3.38 -24.73 25.43
CA THR A 206 -2.70 -24.91 26.72
C THR A 206 -1.26 -25.32 26.45
N SER A 207 -1.10 -26.33 25.59
CA SER A 207 0.23 -26.82 25.22
C SER A 207 0.85 -25.84 24.22
N PRO A 208 2.16 -25.60 24.33
CA PRO A 208 2.73 -24.67 23.37
C PRO A 208 2.99 -25.31 22.02
N ILE A 209 3.08 -24.48 20.98
CA ILE A 209 3.40 -24.95 19.64
C ILE A 209 4.92 -25.03 19.64
N VAL A 210 5.47 -26.17 19.26
CA VAL A 210 6.92 -26.34 19.30
C VAL A 210 7.59 -26.63 17.96
N LYS A 211 8.66 -25.90 17.67
CA LYS A 211 9.41 -26.10 16.44
C LYS A 211 10.87 -26.19 16.86
N SER A 212 11.60 -27.13 16.28
CA SER A 212 12.97 -27.27 16.64
C SER A 212 13.69 -28.02 15.56
N PHE A 213 15.02 -27.96 15.62
CA PHE A 213 15.85 -28.68 14.69
C PHE A 213 17.09 -29.06 15.45
N ASN A 214 17.70 -30.15 15.02
CA ASN A 214 18.93 -30.60 15.62
C ASN A 214 20.06 -30.14 14.68
N ARG A 215 21.14 -29.65 15.27
CA ARG A 215 22.30 -29.22 14.51
C ARG A 215 22.80 -30.38 13.65
N ASP B 1 -3.01 18.09 -5.03
CA ASP B 1 -3.36 19.30 -4.21
C ASP B 1 -2.26 19.65 -3.18
N VAL B 2 -2.68 20.16 -2.01
CA VAL B 2 -1.75 20.54 -0.92
C VAL B 2 -0.73 19.44 -0.59
N GLN B 3 0.55 19.68 -0.88
CA GLN B 3 1.63 18.73 -0.62
C GLN B 3 2.75 19.36 0.21
N LEU B 4 3.19 18.65 1.24
CA LEU B 4 4.25 19.08 2.16
C LEU B 4 5.27 17.98 2.20
N VAL B 5 6.52 18.28 1.82
CA VAL B 5 7.58 17.28 1.81
C VAL B 5 8.82 17.71 2.61
N GLU B 6 9.01 17.08 3.77
CA GLU B 6 10.13 17.41 4.60
C GLU B 6 11.34 16.68 4.07
N SER B 7 12.52 17.20 4.45
CA SER B 7 13.79 16.62 4.05
C SER B 7 14.91 17.17 4.94
N GLY B 8 16.06 16.53 4.88
CA GLY B 8 17.19 17.02 5.66
C GLY B 8 17.52 16.22 6.90
N GLY B 9 16.65 15.26 7.24
CA GLY B 9 16.90 14.45 8.42
C GLY B 9 18.11 13.57 8.23
N GLY B 10 18.47 12.83 9.26
CA GLY B 10 19.61 11.92 9.19
C GLY B 10 20.25 11.73 10.54
N LEU B 11 21.39 11.04 10.56
CA LEU B 11 22.13 10.80 11.80
C LEU B 11 22.99 12.05 12.12
N VAL B 12 22.91 12.50 13.36
CA VAL B 12 23.70 13.65 13.81
C VAL B 12 24.32 13.33 15.18
N GLN B 13 25.60 13.63 15.34
CA GLN B 13 26.28 13.40 16.60
C GLN B 13 25.72 14.33 17.68
N PRO B 14 25.66 13.84 18.93
CA PRO B 14 25.14 14.68 20.01
C PRO B 14 25.95 16.00 20.03
N GLY B 15 25.24 17.11 20.18
CA GLY B 15 25.90 18.41 20.18
C GLY B 15 25.98 18.95 18.77
N GLY B 16 25.53 18.15 17.81
CA GLY B 16 25.57 18.54 16.42
C GLY B 16 24.48 19.51 16.02
N SER B 17 24.55 19.92 14.75
CA SER B 17 23.58 20.85 14.18
C SER B 17 23.00 20.25 12.90
N ARG B 18 21.78 20.63 12.56
CA ARG B 18 21.15 20.07 11.36
C ARG B 18 19.99 20.94 10.95
N LYS B 19 19.88 21.20 9.65
CA LYS B 19 18.78 21.99 9.15
C LYS B 19 17.81 21.11 8.32
N LEU B 20 16.53 21.19 8.67
CA LEU B 20 15.51 20.44 7.98
C LEU B 20 14.70 21.43 7.15
N SER B 21 14.20 20.97 6.01
CA SER B 21 13.39 21.78 5.12
C SER B 21 12.05 21.11 4.94
N CYS B 22 11.08 21.90 4.53
CA CYS B 22 9.72 21.41 4.27
C CYS B 22 9.19 22.15 3.02
N ALA B 23 9.14 21.44 1.91
CA ALA B 23 8.68 21.97 0.62
C ALA B 23 7.17 21.92 0.48
N ALA B 24 6.57 23.08 0.23
CA ALA B 24 5.13 23.22 0.08
C ALA B 24 4.70 23.40 -1.39
N SER B 25 3.52 22.87 -1.73
CA SER B 25 2.93 22.97 -3.08
C SER B 25 1.44 22.70 -2.98
N GLY B 26 0.67 23.21 -3.93
CA GLY B 26 -0.78 22.98 -3.91
C GLY B 26 -1.63 23.97 -3.14
N PHE B 27 -0.99 24.98 -2.58
CA PHE B 27 -1.70 26.02 -1.86
C PHE B 27 -0.88 27.27 -1.85
N THR B 28 -1.48 28.35 -1.38
CA THR B 28 -0.79 29.62 -1.30
C THR B 28 -0.03 29.67 0.02
N PHE B 29 1.18 29.15 -0.03
CA PHE B 29 2.08 29.05 1.10
C PHE B 29 2.19 30.30 1.99
N MET B 30 2.38 31.47 1.37
CA MET B 30 2.54 32.71 2.14
C MET B 30 1.33 33.09 3.00
N ARG B 31 0.20 32.44 2.75
CA ARG B 31 -1.02 32.71 3.49
C ARG B 31 -1.23 31.87 4.74
N PHE B 32 -0.41 30.86 4.96
CA PHE B 32 -0.61 29.97 6.12
C PHE B 32 0.50 29.90 7.14
N GLY B 33 0.11 29.87 8.42
CA GLY B 33 1.07 29.74 9.49
C GLY B 33 1.51 28.30 9.37
N MET B 34 2.70 27.95 9.85
CA MET B 34 3.19 26.58 9.74
C MET B 34 3.78 26.03 11.04
N HIS B 35 3.75 24.71 11.20
CA HIS B 35 4.30 24.07 12.39
C HIS B 35 5.28 22.94 12.08
N TRP B 36 6.05 22.63 13.12
CA TRP B 36 6.97 21.51 13.10
C TRP B 36 6.49 20.69 14.32
N VAL B 37 6.22 19.42 14.10
CA VAL B 37 5.79 18.49 15.15
C VAL B 37 6.73 17.29 15.04
N ARG B 38 7.16 16.72 16.16
CA ARG B 38 8.04 15.56 16.13
C ARG B 38 7.39 14.37 16.82
N GLN B 39 7.81 13.18 16.43
CA GLN B 39 7.27 11.97 17.02
C GLN B 39 8.41 11.01 17.30
N ALA B 40 8.77 10.88 18.57
CA ALA B 40 9.86 10.02 18.97
C ALA B 40 9.47 8.56 18.80
N PRO B 41 10.47 7.68 18.59
CA PRO B 41 10.22 6.24 18.42
C PRO B 41 9.36 5.75 19.57
N GLU B 42 8.20 5.19 19.24
CA GLU B 42 7.27 4.70 20.26
C GLU B 42 6.93 5.84 21.21
N LYS B 43 6.36 6.90 20.66
CA LYS B 43 5.99 8.04 21.47
C LYS B 43 4.84 8.77 20.82
N GLY B 44 4.34 9.74 21.55
CA GLY B 44 3.25 10.55 21.08
C GLY B 44 3.80 11.66 20.23
N LEU B 45 2.89 12.53 19.82
CA LEU B 45 3.20 13.68 19.02
C LEU B 45 3.61 14.79 20.00
N GLU B 46 4.67 15.51 19.68
CA GLU B 46 5.11 16.63 20.51
C GLU B 46 5.31 17.83 19.61
N TRP B 47 4.57 18.90 19.88
CA TRP B 47 4.68 20.13 19.12
C TRP B 47 6.08 20.73 19.33
N VAL B 48 6.72 21.17 18.25
CA VAL B 48 8.07 21.73 18.33
C VAL B 48 8.10 23.27 18.18
N ALA B 49 7.56 23.77 17.08
CA ALA B 49 7.57 25.20 16.84
C ALA B 49 6.49 25.62 15.87
N TYR B 50 6.15 26.91 15.88
CA TYR B 50 5.13 27.52 15.03
C TYR B 50 5.68 28.82 14.41
N ILE B 51 5.20 29.18 13.23
CA ILE B 51 5.59 30.44 12.58
C ILE B 51 4.39 30.95 11.79
N SER B 52 4.06 32.24 11.95
CA SER B 52 2.94 32.83 11.23
C SER B 52 3.28 32.96 9.73
N SER B 53 2.25 33.21 8.92
CA SER B 53 2.40 33.33 7.46
C SER B 53 3.48 34.29 7.02
N GLY B 54 3.63 35.39 7.78
CA GLY B 54 4.63 36.41 7.49
C GLY B 54 5.77 36.45 8.48
N SER B 55 5.91 35.41 9.30
CA SER B 55 6.98 35.29 10.30
C SER B 55 6.92 36.24 11.50
N SER B 56 5.82 36.97 11.67
CA SER B 56 5.70 37.92 12.79
C SER B 56 5.58 37.22 14.16
N THR B 57 4.85 36.11 14.19
CA THR B 57 4.69 35.33 15.40
C THR B 57 5.38 33.97 15.29
N ILE B 58 6.32 33.75 16.22
CA ILE B 58 7.07 32.49 16.29
C ILE B 58 6.92 31.97 17.71
N TYR B 59 6.60 30.68 17.85
CA TYR B 59 6.43 30.05 19.15
C TYR B 59 7.27 28.78 19.19
N TYR B 60 7.87 28.46 20.34
CA TYR B 60 8.69 27.25 20.46
C TYR B 60 8.31 26.43 21.68
N ALA B 61 8.68 25.16 21.65
CA ALA B 61 8.49 24.27 22.79
C ALA B 61 9.66 24.64 23.70
N ASP B 62 9.40 24.61 25.01
CA ASP B 62 10.41 24.96 26.02
C ASP B 62 11.73 24.22 25.90
N THR B 63 11.66 22.93 25.60
CA THR B 63 12.83 22.08 25.49
C THR B 63 13.62 22.28 24.22
N VAL B 64 13.12 23.19 23.37
CA VAL B 64 13.70 23.46 22.08
C VAL B 64 14.10 24.93 21.89
N LYS B 65 13.40 25.80 22.61
CA LYS B 65 13.55 27.25 22.58
C LYS B 65 14.92 27.89 22.32
N GLY B 66 16.00 27.33 22.84
CA GLY B 66 17.28 27.96 22.58
C GLY B 66 18.08 27.42 21.41
N ARG B 67 17.94 26.12 21.20
CA ARG B 67 18.70 25.41 20.18
C ARG B 67 18.10 25.32 18.78
N PHE B 68 16.78 25.43 18.69
CA PHE B 68 16.10 25.31 17.41
C PHE B 68 15.57 26.66 16.88
N THR B 69 15.71 26.88 15.57
CA THR B 69 15.23 28.10 14.95
C THR B 69 14.35 27.76 13.75
N ILE B 70 13.12 28.25 13.77
CA ILE B 70 12.15 28.04 12.71
C ILE B 70 12.12 29.29 11.82
N SER B 71 12.04 29.09 10.51
CA SER B 71 11.98 30.21 9.59
C SER B 71 11.33 29.74 8.32
N ARG B 72 10.99 30.68 7.44
CA ARG B 72 10.37 30.34 6.16
C ARG B 72 10.81 31.31 5.07
N ASP B 73 10.73 30.84 3.84
CA ASP B 73 11.05 31.66 2.68
C ASP B 73 9.81 31.52 1.79
N ASN B 74 8.87 32.45 1.95
CA ASN B 74 7.63 32.46 1.18
C ASN B 74 7.82 32.35 -0.33
N PRO B 75 8.71 33.16 -0.92
CA PRO B 75 8.94 33.09 -2.37
C PRO B 75 9.39 31.70 -2.85
N LYS B 76 10.13 30.98 -2.01
CA LYS B 76 10.59 29.66 -2.37
C LYS B 76 9.67 28.57 -1.86
N ASN B 77 8.54 28.95 -1.26
CA ASN B 77 7.58 27.97 -0.73
C ASN B 77 8.24 26.91 0.17
N THR B 78 9.14 27.34 1.07
CA THR B 78 9.86 26.43 1.97
C THR B 78 9.90 26.88 3.43
N LEU B 79 9.68 25.93 4.33
CA LEU B 79 9.71 26.11 5.79
C LEU B 79 11.01 25.43 6.24
N PHE B 80 11.70 25.99 7.23
CA PHE B 80 12.95 25.38 7.75
C PHE B 80 12.91 25.21 9.25
N LEU B 81 13.83 24.37 9.74
CA LEU B 81 14.00 24.12 11.17
C LEU B 81 15.49 23.99 11.28
N GLN B 82 16.13 24.96 11.92
CA GLN B 82 17.57 24.89 12.13
C GLN B 82 17.74 24.29 13.54
N MET B 83 18.52 23.23 13.64
CA MET B 83 18.74 22.58 14.92
C MET B 83 20.22 22.67 15.27
N THR B 84 20.49 22.98 16.54
CA THR B 84 21.87 23.06 17.05
C THR B 84 21.89 22.36 18.42
N SER B 85 23.07 22.06 18.95
CA SER B 85 23.19 21.38 20.23
C SER B 85 22.23 20.20 20.30
N LEU B 86 22.25 19.38 19.26
CA LEU B 86 21.34 18.25 19.25
C LEU B 86 21.57 17.31 20.45
N ARG B 87 20.49 16.91 21.10
CA ARG B 87 20.52 16.01 22.23
C ARG B 87 19.91 14.67 21.80
N SER B 88 20.31 13.57 22.43
CA SER B 88 19.74 12.29 22.03
C SER B 88 18.22 12.34 22.04
N GLU B 89 17.65 13.04 23.00
CA GLU B 89 16.20 13.18 23.08
C GLU B 89 15.57 14.00 21.93
N ASP B 90 16.36 14.40 20.96
CA ASP B 90 15.82 15.13 19.82
C ASP B 90 15.62 14.13 18.68
N THR B 91 16.06 12.89 18.91
CA THR B 91 15.92 11.83 17.95
C THR B 91 14.43 11.65 17.75
N ALA B 92 13.96 11.89 16.53
CA ALA B 92 12.54 11.76 16.20
C ALA B 92 12.26 11.98 14.73
N LEU B 93 11.05 11.66 14.32
CA LEU B 93 10.62 11.86 12.95
C LEU B 93 10.04 13.25 13.06
N TYR B 94 10.46 14.14 12.17
CA TYR B 94 9.95 15.51 12.18
C TYR B 94 8.98 15.78 11.05
N TYR B 95 7.82 16.31 11.42
CA TYR B 95 6.77 16.63 10.49
C TYR B 95 6.54 18.13 10.46
N CYS B 96 6.22 18.66 9.27
CA CYS B 96 5.81 20.05 9.13
C CYS B 96 4.33 19.86 8.82
N ALA B 97 3.49 20.69 9.44
CA ALA B 97 2.05 20.65 9.26
C ALA B 97 1.57 22.06 9.02
N ARG B 98 0.58 22.19 8.15
CA ARG B 98 0.04 23.48 7.82
C ARG B 98 -1.00 23.93 8.83
N SER B 99 -1.03 25.23 9.09
CA SER B 99 -2.02 25.81 9.99
C SER B 99 -3.16 26.30 9.08
N GLY B 100 -4.19 25.49 8.94
CA GLY B 100 -5.30 25.87 8.09
C GLY B 100 -6.43 26.57 8.83
N GLY B 101 -6.88 27.68 8.25
CA GLY B 101 -7.97 28.43 8.85
C GLY B 101 -9.31 27.88 8.41
N ILE B 102 -10.23 27.77 9.37
CA ILE B 102 -11.57 27.27 9.09
C ILE B 102 -12.51 28.40 9.46
N GLU B 103 -13.35 28.77 8.51
CA GLU B 103 -14.29 29.87 8.68
C GLU B 103 -15.58 29.60 9.44
N ARG B 104 -15.85 30.47 10.40
CA ARG B 104 -17.05 30.40 11.22
C ARG B 104 -17.75 31.73 11.01
N TYR B 105 -18.98 31.84 11.49
CA TYR B 105 -19.70 33.09 11.31
C TYR B 105 -19.06 34.22 12.11
N ASP B 106 -18.19 33.85 13.05
CA ASP B 106 -17.55 34.80 13.94
C ASP B 106 -16.01 34.86 13.90
N GLY B 107 -15.40 33.95 13.17
CA GLY B 107 -13.95 33.96 13.10
C GLY B 107 -13.36 32.78 12.35
N THR B 108 -12.08 32.58 12.52
CA THR B 108 -11.41 31.48 11.86
C THR B 108 -10.60 30.72 12.90
N TYR B 109 -10.97 29.45 13.06
CA TYR B 109 -10.36 28.51 13.98
C TYR B 109 -9.22 27.88 13.21
N TYR B 110 -8.05 27.80 13.81
CA TYR B 110 -6.92 27.18 13.14
C TYR B 110 -6.59 25.82 13.70
N VAL B 111 -6.10 24.96 12.82
CA VAL B 111 -5.74 23.59 13.16
C VAL B 111 -4.74 23.07 12.13
N MET B 112 -3.94 22.09 12.51
CA MET B 112 -2.93 21.46 11.63
C MET B 112 -3.68 20.46 10.73
N ASP B 113 -4.20 20.98 9.62
CA ASP B 113 -5.00 20.20 8.67
C ASP B 113 -4.26 19.33 7.65
N TYR B 114 -3.01 19.63 7.39
CA TYR B 114 -2.20 18.84 6.46
C TYR B 114 -0.83 18.62 7.08
N TRP B 115 -0.36 17.38 7.01
CA TRP B 115 0.94 17.01 7.57
C TRP B 115 1.81 16.35 6.51
N GLY B 116 3.12 16.44 6.66
CA GLY B 116 3.99 15.78 5.69
C GLY B 116 4.29 14.36 6.17
N GLN B 117 5.04 13.61 5.37
CA GLN B 117 5.42 12.24 5.74
C GLN B 117 6.50 12.29 6.83
N GLY B 118 7.28 13.37 6.85
CA GLY B 118 8.31 13.61 7.85
C GLY B 118 9.72 13.17 7.54
N THR B 119 10.69 13.72 8.28
CA THR B 119 12.12 13.33 8.14
C THR B 119 12.62 12.78 9.47
N SER B 120 13.41 11.73 9.43
CA SER B 120 13.94 11.11 10.65
C SER B 120 15.25 11.70 11.06
N VAL B 121 15.34 12.05 12.33
CA VAL B 121 16.57 12.61 12.87
C VAL B 121 17.04 11.67 13.96
N THR B 122 18.25 11.12 13.81
CA THR B 122 18.81 10.23 14.82
C THR B 122 20.01 10.95 15.43
N VAL B 123 19.92 11.25 16.72
CA VAL B 123 20.99 11.91 17.45
C VAL B 123 21.76 10.81 18.16
N SER B 124 22.85 10.36 17.54
CA SER B 124 23.67 9.30 18.10
C SER B 124 25.11 9.38 17.60
N SER B 125 26.02 8.83 18.38
CA SER B 125 27.42 8.83 17.99
C SER B 125 27.84 7.44 17.52
N ALA B 126 26.86 6.53 17.43
CA ALA B 126 27.13 5.19 16.93
C ALA B 126 27.45 5.37 15.43
N LYS B 127 28.35 4.55 14.89
CA LYS B 127 28.77 4.67 13.49
C LYS B 127 27.85 4.02 12.46
N THR B 128 27.63 4.73 11.35
CA THR B 128 26.80 4.24 10.26
C THR B 128 27.38 2.92 9.77
N THR B 129 26.62 1.84 9.93
CA THR B 129 27.07 0.51 9.55
C THR B 129 26.08 -0.19 8.61
N PRO B 130 26.59 -0.78 7.51
CA PRO B 130 25.85 -1.51 6.47
C PRO B 130 25.31 -2.80 7.06
N PRO B 131 24.21 -3.32 6.52
CA PRO B 131 23.62 -4.55 7.02
C PRO B 131 24.27 -5.79 6.46
N SER B 132 24.29 -6.83 7.30
CA SER B 132 24.78 -8.12 6.92
C SER B 132 23.48 -8.86 6.66
N VAL B 133 23.30 -9.34 5.45
CA VAL B 133 22.05 -10.03 5.11
C VAL B 133 22.18 -11.53 4.98
N TYR B 134 21.33 -12.25 5.70
CA TYR B 134 21.38 -13.71 5.70
C TYR B 134 20.06 -14.38 5.33
N PRO B 135 20.13 -15.44 4.53
CA PRO B 135 18.96 -16.19 4.09
C PRO B 135 18.48 -17.14 5.21
N LEU B 136 17.17 -17.26 5.33
CA LEU B 136 16.51 -18.12 6.31
C LEU B 136 15.75 -19.18 5.50
N ALA B 137 16.39 -20.34 5.32
CA ALA B 137 15.83 -21.47 4.58
C ALA B 137 15.46 -22.60 5.56
N PRO B 138 14.36 -23.32 5.27
CA PRO B 138 13.92 -24.43 6.14
C PRO B 138 15.02 -25.44 6.46
N GLY B 139 14.93 -26.05 7.64
CA GLY B 139 15.89 -27.04 8.08
C GLY B 139 15.52 -28.37 7.48
N SER B 140 16.48 -29.30 7.46
CA SER B 140 16.33 -30.66 6.89
C SER B 140 14.99 -31.36 7.08
N ALA B 141 14.48 -31.37 8.30
CA ALA B 141 13.19 -32.00 8.60
C ALA B 141 12.06 -31.11 8.04
N ALA B 142 12.36 -30.42 6.95
CA ALA B 142 11.47 -29.50 6.26
C ALA B 142 10.11 -30.06 5.87
N GLN B 143 9.25 -30.21 6.87
CA GLN B 143 7.90 -30.68 6.61
C GLN B 143 7.17 -29.42 6.18
N THR B 144 6.23 -29.56 5.26
CA THR B 144 5.50 -28.40 4.78
C THR B 144 4.27 -28.80 3.96
N ASN B 145 3.18 -28.05 4.13
CA ASN B 145 1.95 -28.31 3.41
C ASN B 145 2.06 -27.66 2.04
N SER B 146 0.99 -26.99 1.60
CA SER B 146 0.98 -26.33 0.31
C SER B 146 1.93 -25.13 0.20
N MET B 147 2.17 -24.44 1.33
CA MET B 147 3.06 -23.25 1.37
C MET B 147 4.34 -23.52 2.15
N VAL B 148 5.38 -22.74 1.84
CA VAL B 148 6.69 -22.80 2.52
C VAL B 148 7.04 -21.36 2.96
N THR B 149 7.66 -21.24 4.13
CA THR B 149 8.08 -19.93 4.66
C THR B 149 9.59 -19.80 4.61
N LEU B 150 10.04 -18.70 4.05
CA LEU B 150 11.45 -18.39 3.91
C LEU B 150 11.64 -17.06 4.59
N GLY B 151 12.86 -16.52 4.56
CA GLY B 151 13.09 -15.25 5.19
C GLY B 151 14.50 -14.73 5.07
N CYS B 152 14.70 -13.49 5.52
CA CYS B 152 15.99 -12.85 5.52
C CYS B 152 16.21 -12.13 6.84
N LEU B 153 17.42 -12.25 7.35
CA LEU B 153 17.81 -11.63 8.59
C LEU B 153 18.77 -10.52 8.19
N VAL B 154 18.45 -9.27 8.53
CA VAL B 154 19.32 -8.14 8.21
C VAL B 154 19.82 -7.63 9.57
N LYS B 155 21.06 -8.02 9.83
CA LYS B 155 21.76 -7.80 11.06
C LYS B 155 22.84 -6.76 11.11
N GLY B 156 22.85 -6.01 12.21
CA GLY B 156 23.88 -5.01 12.45
C GLY B 156 24.06 -3.80 11.59
N TYR B 157 22.99 -3.05 11.36
CA TYR B 157 23.10 -1.84 10.57
C TYR B 157 22.82 -0.63 11.42
N PHE B 158 23.23 0.55 10.95
CA PHE B 158 22.99 1.76 11.70
C PHE B 158 23.20 2.94 10.78
N PRO B 159 22.27 3.91 10.80
CA PRO B 159 21.06 3.93 11.62
C PRO B 159 19.85 3.44 10.80
N GLU B 160 18.65 3.64 11.32
CA GLU B 160 17.48 3.29 10.56
C GLU B 160 17.45 4.29 9.38
N PRO B 161 16.80 3.93 8.25
CA PRO B 161 16.11 2.68 8.00
C PRO B 161 16.78 1.76 7.00
N VAL B 162 16.02 0.73 6.64
CA VAL B 162 16.42 -0.28 5.68
C VAL B 162 15.11 -0.61 4.99
N THR B 163 15.09 -0.78 3.66
CA THR B 163 13.86 -1.18 3.00
C THR B 163 14.07 -2.62 2.57
N VAL B 164 13.03 -3.44 2.69
CA VAL B 164 13.15 -4.83 2.30
C VAL B 164 12.07 -5.18 1.30
N THR B 165 12.45 -5.88 0.23
CA THR B 165 11.48 -6.31 -0.78
C THR B 165 11.84 -7.73 -1.11
N TRP B 166 10.91 -8.44 -1.76
CA TRP B 166 11.14 -9.82 -2.14
C TRP B 166 10.89 -9.98 -3.62
N ASN B 167 11.86 -10.55 -4.32
CA ASN B 167 11.76 -10.76 -5.76
C ASN B 167 11.42 -9.41 -6.40
N SER B 168 12.18 -8.41 -5.99
CA SER B 168 12.12 -7.03 -6.45
C SER B 168 10.75 -6.40 -6.37
N GLY B 169 9.88 -6.95 -5.52
CA GLY B 169 8.54 -6.40 -5.39
C GLY B 169 7.47 -7.28 -6.01
N SER B 170 7.86 -8.27 -6.80
CA SER B 170 6.89 -9.15 -7.42
C SER B 170 6.13 -9.88 -6.31
N LEU B 171 6.90 -10.48 -5.39
CA LEU B 171 6.35 -11.18 -4.23
C LEU B 171 6.00 -10.12 -3.22
N SER B 172 4.71 -9.83 -3.09
CA SER B 172 4.27 -8.80 -2.16
C SER B 172 3.30 -9.36 -1.16
N SER B 173 2.65 -10.46 -1.52
CA SER B 173 1.69 -11.07 -0.59
C SER B 173 2.35 -12.05 0.36
N GLY B 174 1.78 -12.16 1.56
CA GLY B 174 2.33 -13.06 2.56
C GLY B 174 3.75 -12.74 3.01
N VAL B 175 4.06 -11.45 3.12
CA VAL B 175 5.39 -10.98 3.52
C VAL B 175 5.23 -10.26 4.84
N HIS B 176 6.13 -10.51 5.79
CA HIS B 176 6.10 -9.84 7.09
C HIS B 176 7.49 -9.33 7.41
N THR B 177 7.66 -8.02 7.36
CA THR B 177 8.93 -7.40 7.68
C THR B 177 8.76 -6.76 9.05
N PHE B 178 9.39 -7.36 10.05
CA PHE B 178 9.27 -6.92 11.42
C PHE B 178 10.13 -5.69 11.70
N PRO B 179 9.64 -4.83 12.61
CA PRO B 179 10.36 -3.60 12.99
C PRO B 179 11.75 -3.97 13.54
N ALA B 180 12.73 -3.09 13.31
CA ALA B 180 14.08 -3.33 13.76
C ALA B 180 14.20 -3.15 15.25
N VAL B 181 15.05 -3.96 15.86
CA VAL B 181 15.30 -3.83 17.30
C VAL B 181 16.76 -3.41 17.46
N LEU B 182 16.97 -2.37 18.25
CA LEU B 182 18.29 -1.80 18.52
C LEU B 182 18.99 -2.43 19.72
N GLN B 183 20.00 -3.23 19.45
CA GLN B 183 20.73 -3.85 20.53
C GLN B 183 22.21 -3.48 20.44
N SER B 184 22.68 -2.70 21.42
CA SER B 184 24.08 -2.29 21.45
C SER B 184 24.45 -1.56 20.18
N ASP B 185 23.86 -0.38 20.04
CA ASP B 185 24.03 0.48 18.88
C ASP B 185 24.18 -0.17 17.51
N LEU B 186 23.34 -1.17 17.29
CA LEU B 186 23.24 -1.90 16.04
C LEU B 186 21.83 -2.46 15.89
N TYR B 187 21.19 -2.15 14.77
CA TYR B 187 19.85 -2.62 14.47
C TYR B 187 19.85 -3.97 13.79
N THR B 188 18.76 -4.70 14.02
CA THR B 188 18.54 -6.02 13.43
C THR B 188 17.04 -6.13 13.12
N LEU B 189 16.77 -6.70 11.96
CA LEU B 189 15.41 -6.87 11.49
C LEU B 189 15.39 -8.17 10.67
N SER B 190 14.22 -8.74 10.50
CA SER B 190 14.05 -9.97 9.73
C SER B 190 12.78 -9.82 8.89
N SER B 191 12.67 -10.62 7.85
CA SER B 191 11.49 -10.57 6.99
C SER B 191 11.16 -11.99 6.54
N SER B 192 9.88 -12.33 6.53
CA SER B 192 9.47 -13.64 6.07
C SER B 192 8.57 -13.53 4.84
N VAL B 193 8.49 -14.62 4.07
CA VAL B 193 7.63 -14.72 2.89
C VAL B 193 7.14 -16.14 2.88
N THR B 194 5.92 -16.34 2.46
CA THR B 194 5.40 -17.69 2.32
C THR B 194 5.05 -17.84 0.84
N VAL B 195 5.65 -18.82 0.20
CA VAL B 195 5.41 -19.08 -1.20
C VAL B 195 4.89 -20.53 -1.34
N PRO B 196 4.14 -20.85 -2.41
CA PRO B 196 3.69 -22.24 -2.48
C PRO B 196 4.93 -23.14 -2.51
N SER B 197 4.81 -24.34 -1.94
CA SER B 197 5.90 -25.30 -1.91
C SER B 197 6.45 -25.61 -3.29
N SER B 198 5.57 -25.83 -4.27
CA SER B 198 6.00 -26.11 -5.64
C SER B 198 7.01 -25.11 -6.23
N PRO B 199 6.91 -23.79 -5.91
CA PRO B 199 7.80 -22.73 -6.37
C PRO B 199 9.20 -22.66 -5.79
N ARG B 200 9.51 -23.49 -4.79
CA ARG B 200 10.84 -23.43 -4.20
C ARG B 200 11.43 -24.83 -3.99
N PRO B 201 12.67 -25.05 -4.46
CA PRO B 201 13.51 -24.06 -5.14
C PRO B 201 13.32 -23.93 -6.64
N SER B 202 12.24 -24.50 -7.20
CA SER B 202 12.02 -24.44 -8.65
C SER B 202 12.06 -23.00 -9.18
N GLU B 203 11.35 -22.10 -8.52
CA GLU B 203 11.37 -20.70 -8.90
C GLU B 203 12.30 -20.09 -7.86
N THR B 204 13.03 -19.05 -8.22
CA THR B 204 13.95 -18.42 -7.29
C THR B 204 13.28 -17.40 -6.41
N VAL B 205 13.70 -17.34 -5.14
CA VAL B 205 13.18 -16.37 -4.18
C VAL B 205 14.41 -15.63 -3.62
N THR B 206 14.40 -14.31 -3.72
CA THR B 206 15.51 -13.52 -3.20
C THR B 206 15.02 -12.25 -2.52
N CYS B 207 15.70 -11.84 -1.46
CA CYS B 207 15.30 -10.63 -0.77
C CYS B 207 16.25 -9.52 -1.18
N ASN B 208 15.69 -8.35 -1.43
CA ASN B 208 16.48 -7.20 -1.84
C ASN B 208 16.44 -6.24 -0.65
N VAL B 209 17.60 -5.96 -0.11
CA VAL B 209 17.73 -5.11 1.06
C VAL B 209 18.58 -3.87 0.77
N ALA B 210 18.03 -2.70 1.04
CA ALA B 210 18.78 -1.47 0.83
C ALA B 210 18.85 -0.63 2.11
N HIS B 211 20.05 -0.15 2.41
CA HIS B 211 20.31 0.67 3.58
C HIS B 211 20.86 2.00 3.03
N PRO B 212 19.95 2.97 2.78
CA PRO B 212 20.28 4.28 2.24
C PRO B 212 21.47 4.94 2.91
N ALA B 213 21.44 5.01 4.22
CA ALA B 213 22.51 5.62 5.00
C ALA B 213 23.92 5.13 4.65
N SER B 214 24.01 3.97 4.02
CA SER B 214 25.31 3.42 3.67
C SER B 214 25.47 3.16 2.17
N SER B 215 24.47 3.56 1.40
CA SER B 215 24.48 3.34 -0.05
C SER B 215 24.47 1.83 -0.29
N THR B 216 23.99 1.08 0.70
CA THR B 216 23.90 -0.37 0.63
C THR B 216 22.66 -0.87 -0.13
N LYS B 217 22.88 -1.94 -0.89
CA LYS B 217 21.85 -2.62 -1.64
C LYS B 217 22.39 -4.04 -1.75
N VAL B 218 21.59 -5.01 -1.33
CA VAL B 218 22.02 -6.39 -1.37
C VAL B 218 20.90 -7.31 -1.80
N ASP B 219 21.24 -8.26 -2.64
CA ASP B 219 20.30 -9.26 -3.08
C ASP B 219 20.73 -10.55 -2.42
N LYS B 220 19.79 -11.27 -1.81
CA LYS B 220 20.12 -12.49 -1.13
C LYS B 220 19.17 -13.61 -1.50
N LYS B 221 19.65 -14.51 -2.35
CA LYS B 221 18.88 -15.65 -2.81
C LYS B 221 18.71 -16.65 -1.67
N ILE B 222 17.53 -17.25 -1.58
CA ILE B 222 17.28 -18.26 -0.56
C ILE B 222 17.44 -19.60 -1.27
N VAL B 223 18.53 -20.28 -0.97
CA VAL B 223 18.80 -21.58 -1.57
C VAL B 223 18.55 -22.66 -0.52
N PRO B 224 18.04 -23.83 -0.95
CA PRO B 224 17.76 -24.94 -0.03
C PRO B 224 19.03 -25.42 0.64
N ARG B 225 18.92 -25.74 1.92
CA ARG B 225 20.05 -26.25 2.67
C ARG B 225 20.27 -27.70 2.21
N ASP B 226 21.49 -27.99 1.78
CA ASP B 226 21.81 -29.33 1.29
C ASP B 226 21.75 -29.45 -0.22
N MET C 1 -10.76 37.03 21.69
CA MET C 1 -9.79 37.87 20.95
C MET C 1 -8.85 37.02 20.10
N SER C 2 -7.92 37.66 19.42
CA SER C 2 -6.99 36.97 18.55
C SER C 2 -5.93 36.16 19.30
N LEU C 3 -5.88 34.86 19.01
CA LEU C 3 -4.89 33.97 19.60
C LEU C 3 -4.07 33.51 18.42
N PRO C 4 -2.90 34.13 18.21
CA PRO C 4 -2.02 33.77 17.10
C PRO C 4 -1.86 32.25 16.82
N GLY C 5 -2.28 31.85 15.63
CA GLY C 5 -2.20 30.46 15.20
C GLY C 5 -3.31 29.59 15.75
N ARG C 6 -4.29 30.20 16.40
CA ARG C 6 -5.36 29.42 16.99
C ARG C 6 -6.76 29.97 16.72
N TRP C 7 -6.92 31.27 16.89
CA TRP C 7 -8.21 31.94 16.70
C TRP C 7 -8.06 33.38 16.19
N LYS C 8 -8.71 33.68 15.08
CA LYS C 8 -8.64 35.02 14.50
C LYS C 8 -10.08 35.48 14.31
N PRO C 9 -10.52 36.41 15.16
CA PRO C 9 -11.89 36.95 15.11
C PRO C 9 -12.19 37.60 13.76
N LYS C 10 -13.48 37.64 13.41
CA LYS C 10 -13.90 38.26 12.16
C LYS C 10 -14.12 39.77 12.38
N ASP D 1 -26.93 -18.98 -21.54
CA ASP D 1 -26.63 -18.60 -20.14
C ASP D 1 -27.52 -17.41 -19.82
N THR D 2 -27.58 -17.01 -18.56
CA THR D 2 -28.37 -15.84 -18.20
C THR D 2 -27.39 -14.65 -18.23
N VAL D 3 -27.69 -13.70 -19.11
CA VAL D 3 -26.88 -12.52 -19.30
C VAL D 3 -27.26 -11.40 -18.34
N LEU D 4 -26.26 -10.83 -17.68
CA LEU D 4 -26.47 -9.78 -16.70
C LEU D 4 -26.04 -8.45 -17.26
N THR D 5 -26.95 -7.48 -17.23
CA THR D 5 -26.70 -6.15 -17.73
C THR D 5 -26.56 -5.20 -16.54
N GLN D 6 -25.35 -4.69 -16.36
CA GLN D 6 -25.03 -3.81 -15.25
C GLN D 6 -25.00 -2.32 -15.63
N SER D 7 -25.80 -1.50 -14.96
CA SER D 7 -25.77 -0.06 -15.23
C SER D 7 -25.72 0.67 -13.89
N PRO D 8 -24.99 1.79 -13.81
CA PRO D 8 -24.19 2.47 -14.83
C PRO D 8 -22.85 1.77 -15.05
N ALA D 9 -22.18 2.09 -16.15
CA ALA D 9 -20.87 1.52 -16.41
C ALA D 9 -19.84 2.40 -15.65
N SER D 10 -20.28 3.58 -15.24
CA SER D 10 -19.44 4.53 -14.51
C SER D 10 -20.31 5.50 -13.73
N LEU D 11 -19.78 5.96 -12.61
CA LEU D 11 -20.45 6.95 -11.79
C LEU D 11 -19.48 7.50 -10.79
N ALA D 12 -19.59 8.81 -10.59
CA ALA D 12 -18.76 9.57 -9.65
C ALA D 12 -19.73 10.08 -8.61
N VAL D 13 -19.47 9.76 -7.36
CA VAL D 13 -20.35 10.18 -6.28
C VAL D 13 -19.56 10.99 -5.26
N SER D 14 -20.15 12.07 -4.76
CA SER D 14 -19.50 12.89 -3.75
C SER D 14 -19.49 12.14 -2.41
N LEU D 15 -18.47 12.37 -1.61
CA LEU D 15 -18.39 11.74 -0.31
C LEU D 15 -19.64 12.00 0.49
N GLY D 16 -20.09 11.00 1.23
CA GLY D 16 -21.28 11.15 2.04
C GLY D 16 -22.53 10.86 1.26
N GLN D 17 -22.46 10.99 -0.05
CA GLN D 17 -23.62 10.74 -0.87
C GLN D 17 -23.80 9.23 -1.11
N ARG D 18 -24.90 8.82 -1.72
CA ARG D 18 -25.12 7.41 -1.99
C ARG D 18 -24.86 7.10 -3.46
N ALA D 19 -24.54 5.84 -3.72
CA ALA D 19 -24.27 5.31 -5.04
C ALA D 19 -25.15 4.08 -5.18
N THR D 20 -25.74 3.91 -6.35
CA THR D 20 -26.56 2.75 -6.58
C THR D 20 -26.24 2.17 -7.96
N ILE D 21 -25.93 0.87 -7.96
CA ILE D 21 -25.59 0.14 -9.17
C ILE D 21 -26.67 -0.90 -9.40
N SER D 22 -27.10 -0.99 -10.66
CA SER D 22 -28.15 -1.89 -11.10
C SER D 22 -27.68 -3.03 -11.97
N CYS D 23 -28.41 -4.12 -11.89
CA CYS D 23 -28.08 -5.31 -12.64
C CYS D 23 -29.41 -5.95 -13.06
N ARG D 24 -29.57 -6.15 -14.37
CA ARG D 24 -30.77 -6.76 -14.93
C ARG D 24 -30.36 -8.07 -15.59
N ALA D 25 -31.00 -9.16 -15.22
CA ALA D 25 -30.69 -10.47 -15.78
C ALA D 25 -31.68 -10.86 -16.86
N SER D 26 -31.19 -11.57 -17.88
CA SER D 26 -32.00 -12.03 -19.01
C SER D 26 -33.11 -12.98 -18.58
N GLU D 27 -32.84 -13.72 -17.50
CA GLU D 27 -33.80 -14.66 -16.95
C GLU D 27 -33.78 -14.44 -15.45
N SER D 28 -34.89 -14.77 -14.80
CA SER D 28 -35.01 -14.66 -13.35
C SER D 28 -33.96 -15.54 -12.70
N VAL D 29 -33.39 -15.07 -11.59
CA VAL D 29 -32.37 -15.81 -10.87
C VAL D 29 -32.92 -16.32 -9.54
N ASP D 30 -34.25 -16.23 -9.38
CA ASP D 30 -34.91 -16.70 -8.16
C ASP D 30 -34.91 -18.22 -8.17
N TYR D 31 -34.77 -18.81 -6.99
CA TYR D 31 -34.79 -20.26 -6.86
C TYR D 31 -35.21 -20.60 -5.45
N TYR D 32 -36.34 -21.29 -5.33
CA TYR D 32 -36.89 -21.73 -4.05
C TYR D 32 -36.94 -20.66 -2.95
N GLY D 33 -37.44 -19.48 -3.30
CA GLY D 33 -37.57 -18.42 -2.31
C GLY D 33 -36.39 -17.48 -2.15
N LYS D 34 -35.29 -17.74 -2.85
CA LYS D 34 -34.09 -16.90 -2.75
C LYS D 34 -33.76 -16.33 -4.12
N SER D 35 -33.03 -15.22 -4.15
CA SER D 35 -32.59 -14.62 -5.40
C SER D 35 -31.07 -14.82 -5.44
N PHE D 36 -30.60 -15.57 -6.42
CA PHE D 36 -29.19 -15.88 -6.52
C PHE D 36 -28.32 -14.81 -7.15
N MET D 37 -28.36 -13.62 -6.55
CA MET D 37 -27.55 -12.50 -7.02
C MET D 37 -26.51 -12.13 -5.99
N ASN D 38 -25.26 -12.02 -6.45
CA ASN D 38 -24.14 -11.68 -5.59
C ASN D 38 -23.40 -10.48 -6.15
N TRP D 39 -22.76 -9.72 -5.25
CA TRP D 39 -22.00 -8.53 -5.58
C TRP D 39 -20.58 -8.66 -5.05
N PHE D 40 -19.65 -8.15 -5.83
CA PHE D 40 -18.23 -8.18 -5.50
C PHE D 40 -17.65 -6.80 -5.67
N GLN D 41 -16.48 -6.61 -5.07
CA GLN D 41 -15.76 -5.36 -5.14
C GLN D 41 -14.35 -5.67 -5.59
N GLN D 42 -13.79 -4.84 -6.45
CA GLN D 42 -12.42 -5.08 -6.85
C GLN D 42 -11.67 -3.78 -6.98
N LYS D 43 -10.71 -3.56 -6.08
CA LYS D 43 -9.92 -2.34 -6.15
C LYS D 43 -8.75 -2.64 -7.07
N PRO D 44 -8.16 -1.59 -7.68
CA PRO D 44 -7.03 -1.78 -8.60
C PRO D 44 -5.93 -2.72 -8.12
N GLY D 45 -5.53 -3.62 -9.03
CA GLY D 45 -4.49 -4.58 -8.73
C GLY D 45 -4.79 -5.46 -7.53
N GLN D 46 -6.08 -5.65 -7.27
CA GLN D 46 -6.52 -6.46 -6.14
C GLN D 46 -7.58 -7.42 -6.63
N PRO D 47 -7.73 -8.56 -5.95
CA PRO D 47 -8.74 -9.56 -6.32
C PRO D 47 -10.14 -9.11 -5.88
N PRO D 48 -11.19 -9.72 -6.46
CA PRO D 48 -12.56 -9.33 -6.05
C PRO D 48 -12.81 -9.69 -4.58
N LYS D 49 -13.64 -8.90 -3.92
CA LYS D 49 -14.02 -9.12 -2.55
C LYS D 49 -15.53 -9.31 -2.52
N LEU D 50 -16.00 -10.39 -1.88
CA LEU D 50 -17.44 -10.63 -1.78
C LEU D 50 -18.07 -9.57 -0.89
N LEU D 51 -19.07 -8.89 -1.47
CA LEU D 51 -19.78 -7.82 -0.81
C LEU D 51 -21.19 -8.23 -0.35
N ILE D 52 -21.98 -8.77 -1.27
CA ILE D 52 -23.36 -9.16 -0.99
C ILE D 52 -23.63 -10.51 -1.63
N TYR D 53 -24.33 -11.39 -0.92
CA TYR D 53 -24.69 -12.72 -1.44
C TYR D 53 -26.19 -12.89 -1.27
N ALA D 54 -26.78 -13.75 -2.09
CA ALA D 54 -28.21 -13.99 -2.04
C ALA D 54 -29.01 -12.68 -2.04
N ALA D 55 -28.65 -11.79 -2.98
CA ALA D 55 -29.31 -10.49 -3.20
C ALA D 55 -29.14 -9.36 -2.18
N SER D 56 -29.33 -9.64 -0.89
CA SER D 56 -29.26 -8.61 0.14
C SER D 56 -28.62 -9.03 1.45
N ASN D 57 -27.57 -9.84 1.37
CA ASN D 57 -26.92 -10.30 2.60
C ASN D 57 -25.45 -9.91 2.57
N GLN D 58 -25.04 -9.21 3.62
CA GLN D 58 -23.66 -8.74 3.78
C GLN D 58 -22.66 -9.89 3.91
N GLY D 59 -21.57 -9.80 3.16
CA GLY D 59 -20.53 -10.80 3.29
C GLY D 59 -19.92 -10.52 4.67
N SER D 60 -18.92 -11.28 5.09
CA SER D 60 -18.33 -11.08 6.42
C SER D 60 -18.10 -9.67 6.97
N GLY D 61 -16.85 -9.19 6.95
CA GLY D 61 -16.59 -7.85 7.45
C GLY D 61 -16.98 -6.76 6.47
N VAL D 62 -18.21 -6.83 5.96
CA VAL D 62 -18.74 -5.86 5.00
C VAL D 62 -19.59 -4.82 5.75
N PRO D 63 -19.17 -3.54 5.77
CA PRO D 63 -19.95 -2.53 6.48
C PRO D 63 -21.40 -2.37 6.06
N ALA D 64 -22.16 -1.75 6.94
CA ALA D 64 -23.58 -1.54 6.73
C ALA D 64 -23.86 -0.52 5.64
N ARG D 65 -22.82 0.16 5.16
CA ARG D 65 -22.96 1.14 4.08
C ARG D 65 -23.40 0.45 2.81
N PHE D 66 -22.96 -0.79 2.64
CA PHE D 66 -23.28 -1.58 1.47
C PHE D 66 -24.51 -2.40 1.74
N SER D 67 -25.45 -2.39 0.81
CA SER D 67 -26.67 -3.20 0.97
C SER D 67 -27.18 -3.66 -0.39
N GLY D 68 -28.04 -4.68 -0.39
CA GLY D 68 -28.59 -5.17 -1.65
C GLY D 68 -30.11 -5.26 -1.66
N SER D 69 -30.72 -5.19 -2.83
CA SER D 69 -32.18 -5.27 -2.98
C SER D 69 -32.53 -5.83 -4.36
N GLY D 70 -33.72 -6.40 -4.50
CA GLY D 70 -34.14 -6.91 -5.80
C GLY D 70 -34.66 -8.33 -5.87
N SER D 71 -35.29 -8.65 -7.00
CA SER D 71 -35.85 -9.97 -7.26
C SER D 71 -35.99 -10.21 -8.76
N GLY D 72 -36.19 -11.49 -9.10
CA GLY D 72 -36.33 -11.92 -10.47
C GLY D 72 -35.12 -11.64 -11.33
N THR D 73 -35.21 -10.56 -12.09
CA THR D 73 -34.16 -10.12 -12.98
C THR D 73 -33.65 -8.71 -12.59
N ASP D 74 -34.27 -8.10 -11.59
CA ASP D 74 -33.90 -6.75 -11.16
C ASP D 74 -33.21 -6.70 -9.81
N PHE D 75 -31.99 -6.18 -9.79
CA PHE D 75 -31.20 -6.08 -8.55
C PHE D 75 -30.32 -4.81 -8.50
N SER D 76 -30.03 -4.36 -7.29
CA SER D 76 -29.20 -3.17 -7.07
C SER D 76 -28.30 -3.26 -5.85
N LEU D 77 -27.15 -2.59 -5.94
CA LEU D 77 -26.19 -2.49 -4.86
C LEU D 77 -26.21 -1.02 -4.46
N HIS D 78 -26.34 -0.78 -3.16
CA HIS D 78 -26.38 0.59 -2.63
C HIS D 78 -25.23 0.81 -1.69
N ILE D 79 -24.65 2.01 -1.78
CA ILE D 79 -23.53 2.36 -0.93
C ILE D 79 -23.80 3.76 -0.40
N HIS D 80 -24.07 3.87 0.89
CA HIS D 80 -24.32 5.17 1.49
C HIS D 80 -23.94 5.13 2.94
N PRO D 81 -23.12 6.09 3.38
CA PRO D 81 -22.60 7.15 2.52
C PRO D 81 -21.38 6.67 1.75
N MET D 82 -21.10 7.33 0.65
CA MET D 82 -19.93 7.00 -0.14
C MET D 82 -18.72 7.39 0.72
N GLU D 83 -17.68 6.55 0.73
CA GLU D 83 -16.45 6.83 1.45
C GLU D 83 -15.25 6.71 0.51
N GLU D 84 -14.20 7.45 0.85
CA GLU D 84 -12.97 7.52 0.06
C GLU D 84 -12.41 6.22 -0.54
N ASP D 85 -12.41 5.16 0.26
CA ASP D 85 -11.90 3.86 -0.14
C ASP D 85 -12.94 3.04 -0.90
N ASP D 86 -14.09 3.65 -1.19
CA ASP D 86 -15.14 2.92 -1.91
C ASP D 86 -14.87 2.99 -3.41
N SER D 87 -13.85 3.74 -3.80
CA SER D 87 -13.53 3.89 -5.19
C SER D 87 -13.05 2.54 -5.72
N ALA D 88 -13.83 1.94 -6.63
CA ALA D 88 -13.50 0.62 -7.21
C ALA D 88 -14.45 0.15 -8.30
N MET D 89 -14.14 -1.04 -8.82
CA MET D 89 -14.95 -1.70 -9.82
C MET D 89 -15.90 -2.62 -9.07
N TYR D 90 -17.17 -2.62 -9.47
CA TYR D 90 -18.17 -3.48 -8.82
C TYR D 90 -18.82 -4.36 -9.88
N PHE D 91 -19.01 -5.64 -9.52
CA PHE D 91 -19.61 -6.63 -10.43
C PHE D 91 -20.71 -7.38 -9.73
N CYS D 92 -21.84 -7.56 -10.42
CA CYS D 92 -22.93 -8.37 -9.90
C CYS D 92 -22.61 -9.71 -10.58
N GLN D 93 -23.15 -10.80 -10.03
CA GLN D 93 -22.97 -12.15 -10.57
C GLN D 93 -24.15 -13.02 -10.18
N GLN D 94 -24.57 -13.93 -11.06
CA GLN D 94 -25.67 -14.82 -10.73
C GLN D 94 -25.10 -16.20 -10.47
N SER D 95 -25.59 -16.87 -9.44
CA SER D 95 -25.09 -18.19 -9.13
C SER D 95 -26.19 -19.23 -9.17
N LYS D 96 -27.21 -19.00 -10.01
CA LYS D 96 -28.31 -19.96 -10.10
C LYS D 96 -28.09 -20.96 -11.21
N GLU D 97 -27.59 -20.47 -12.33
CA GLU D 97 -27.36 -21.32 -13.49
C GLU D 97 -25.89 -21.43 -13.76
N VAL D 98 -25.49 -22.54 -14.34
CA VAL D 98 -24.11 -22.75 -14.76
C VAL D 98 -24.28 -22.51 -16.27
N PRO D 99 -23.40 -21.73 -16.89
CA PRO D 99 -22.26 -21.05 -16.27
C PRO D 99 -22.63 -19.92 -15.32
N TRP D 100 -21.75 -19.69 -14.34
CA TRP D 100 -21.91 -18.58 -13.40
C TRP D 100 -21.62 -17.40 -14.31
N THR D 101 -22.32 -16.30 -14.16
CA THR D 101 -22.04 -15.15 -15.02
C THR D 101 -21.95 -13.83 -14.24
N PHE D 102 -21.17 -12.91 -14.80
CA PHE D 102 -20.98 -11.60 -14.18
C PHE D 102 -21.48 -10.47 -15.08
N GLY D 103 -21.86 -9.37 -14.46
CA GLY D 103 -22.29 -8.20 -15.20
C GLY D 103 -20.97 -7.58 -15.63
N GLY D 104 -21.03 -6.64 -16.56
CA GLY D 104 -19.83 -6.01 -17.06
C GLY D 104 -18.99 -5.19 -16.10
N GLY D 105 -19.56 -4.87 -14.94
CA GLY D 105 -18.87 -4.07 -13.93
C GLY D 105 -19.15 -2.58 -14.03
N THR D 106 -18.88 -1.85 -12.96
CA THR D 106 -19.05 -0.41 -13.00
C THR D 106 -17.96 0.25 -12.21
N LYS D 107 -17.32 1.24 -12.83
CA LYS D 107 -16.24 1.94 -12.20
C LYS D 107 -16.80 3.08 -11.38
N LEU D 108 -16.85 2.86 -10.06
CA LEU D 108 -17.33 3.86 -9.13
C LEU D 108 -16.14 4.69 -8.73
N GLU D 109 -16.27 6.00 -8.88
CA GLU D 109 -15.18 6.89 -8.50
C GLU D 109 -15.77 7.93 -7.58
N ILE D 110 -14.91 8.61 -6.84
CA ILE D 110 -15.33 9.66 -5.93
C ILE D 110 -15.35 10.96 -6.73
N LYS D 111 -16.39 11.75 -6.55
CA LYS D 111 -16.46 13.04 -7.24
C LYS D 111 -15.84 14.08 -6.31
N ARG D 112 -14.61 14.49 -6.60
CA ARG D 112 -13.93 15.51 -5.83
C ARG D 112 -14.03 16.81 -6.62
N ALA D 113 -13.41 17.88 -6.11
CA ALA D 113 -13.45 19.18 -6.81
C ALA D 113 -12.58 19.12 -8.05
N ASP D 114 -12.86 19.99 -9.02
CA ASP D 114 -12.07 20.03 -10.26
C ASP D 114 -10.65 20.45 -9.90
N ALA D 115 -9.67 19.81 -10.51
CA ALA D 115 -8.28 20.11 -10.25
C ALA D 115 -7.49 20.11 -11.56
N ALA D 116 -6.76 21.19 -11.83
CA ALA D 116 -5.95 21.31 -13.05
C ALA D 116 -4.66 20.50 -12.80
N PRO D 117 -4.08 19.91 -13.87
CA PRO D 117 -2.86 19.10 -13.80
C PRO D 117 -1.54 19.82 -13.76
N THR D 118 -0.57 19.19 -13.12
CA THR D 118 0.80 19.68 -13.01
C THR D 118 1.52 18.95 -14.16
N VAL D 119 1.74 19.69 -15.25
CA VAL D 119 2.37 19.22 -16.47
C VAL D 119 3.88 19.47 -16.49
N SER D 120 4.64 18.46 -16.91
CA SER D 120 6.10 18.52 -16.99
C SER D 120 6.44 17.84 -18.32
N ILE D 121 7.44 18.37 -19.01
CA ILE D 121 7.86 17.83 -20.30
C ILE D 121 9.32 17.42 -20.18
N PHE D 122 9.66 16.27 -20.77
CA PHE D 122 11.03 15.79 -20.71
C PHE D 122 11.55 15.45 -22.09
N PRO D 123 12.79 15.88 -22.38
CA PRO D 123 13.53 15.68 -23.63
C PRO D 123 14.11 14.27 -23.69
N PRO D 124 14.50 13.80 -24.88
CA PRO D 124 15.08 12.46 -25.00
C PRO D 124 16.34 12.38 -24.15
N SER D 125 16.63 11.18 -23.63
CA SER D 125 17.83 11.00 -22.83
C SER D 125 18.99 10.80 -23.80
N SER D 126 20.19 11.19 -23.40
CA SER D 126 21.38 11.00 -24.23
C SER D 126 21.55 9.50 -24.46
N GLU D 127 21.07 8.74 -23.48
CA GLU D 127 21.10 7.29 -23.48
C GLU D 127 20.23 6.75 -24.61
N GLN D 128 19.02 7.27 -24.76
CA GLN D 128 18.16 6.80 -25.85
C GLN D 128 18.69 7.29 -27.20
N LEU D 129 19.14 8.54 -27.26
CA LEU D 129 19.65 9.12 -28.51
C LEU D 129 20.84 8.30 -28.98
N THR D 130 21.62 7.80 -28.02
CA THR D 130 22.76 6.95 -28.32
C THR D 130 22.27 5.73 -29.08
N SER D 131 21.10 5.23 -28.70
CA SER D 131 20.50 4.10 -29.35
C SER D 131 19.77 4.46 -30.66
N GLY D 132 19.79 5.74 -31.04
CA GLY D 132 19.14 6.14 -32.27
C GLY D 132 17.66 6.49 -32.21
N GLY D 133 17.12 6.61 -31.00
CA GLY D 133 15.71 6.95 -30.88
C GLY D 133 15.55 8.19 -30.04
N ALA D 134 14.37 8.80 -30.09
CA ALA D 134 14.10 10.01 -29.32
C ALA D 134 12.64 10.10 -28.87
N SER D 135 12.39 9.82 -27.59
CA SER D 135 11.04 9.93 -27.07
C SER D 135 10.96 11.21 -26.25
N VAL D 136 9.81 11.87 -26.26
CA VAL D 136 9.58 13.09 -25.50
C VAL D 136 8.39 12.74 -24.63
N VAL D 137 8.48 12.92 -23.31
CA VAL D 137 7.39 12.56 -22.40
C VAL D 137 6.78 13.76 -21.67
N CYS D 138 5.45 13.75 -21.52
CA CYS D 138 4.74 14.77 -20.76
C CYS D 138 3.90 14.12 -19.68
N PHE D 139 4.12 14.55 -18.44
CA PHE D 139 3.36 14.08 -17.29
C PHE D 139 2.33 15.17 -16.98
N LEU D 140 1.08 14.76 -16.80
CA LEU D 140 -0.05 15.63 -16.49
C LEU D 140 -0.53 14.99 -15.18
N ASN D 141 -0.04 15.49 -14.06
CA ASN D 141 -0.36 14.86 -12.79
C ASN D 141 -1.40 15.52 -11.92
N ASN D 142 -2.08 14.62 -11.18
CA ASN D 142 -3.10 14.95 -10.20
C ASN D 142 -4.21 15.89 -10.62
N PHE D 143 -5.09 15.42 -11.50
CA PHE D 143 -6.16 16.27 -11.96
C PHE D 143 -7.52 15.60 -11.83
N TYR D 144 -8.58 16.40 -11.95
CA TYR D 144 -9.95 15.91 -11.87
C TYR D 144 -10.80 16.97 -12.56
N PRO D 145 -11.70 16.57 -13.50
CA PRO D 145 -12.06 15.27 -14.03
C PRO D 145 -10.96 14.52 -14.76
N LYS D 146 -11.18 13.23 -14.99
CA LYS D 146 -10.23 12.38 -15.68
C LYS D 146 -10.06 12.86 -17.12
N ASP D 147 -11.17 13.34 -17.70
CA ASP D 147 -11.20 13.81 -19.09
C ASP D 147 -10.18 14.88 -19.36
N ILE D 148 -9.28 14.59 -20.30
CA ILE D 148 -8.22 15.54 -20.65
C ILE D 148 -7.63 15.25 -22.04
N ASN D 149 -7.20 16.30 -22.73
CA ASN D 149 -6.63 16.16 -24.06
C ASN D 149 -5.20 16.68 -24.06
N VAL D 150 -4.32 15.98 -24.75
CA VAL D 150 -2.94 16.39 -24.88
C VAL D 150 -2.67 16.48 -26.36
N LYS D 151 -1.99 17.54 -26.76
CA LYS D 151 -1.66 17.73 -28.16
C LYS D 151 -0.14 17.95 -28.25
N TRP D 152 0.51 17.23 -29.16
CA TRP D 152 1.95 17.39 -29.34
C TRP D 152 2.15 18.29 -30.55
N LYS D 153 3.19 19.13 -30.47
CA LYS D 153 3.55 20.05 -31.54
C LYS D 153 5.04 20.05 -31.70
N ILE D 154 5.46 19.93 -32.94
CA ILE D 154 6.85 19.93 -33.29
C ILE D 154 7.00 21.13 -34.22
N ASP D 155 7.73 22.15 -33.75
CA ASP D 155 7.94 23.39 -34.51
C ASP D 155 6.57 23.97 -34.85
N GLY D 156 5.64 23.88 -33.91
CA GLY D 156 4.32 24.40 -34.14
C GLY D 156 3.36 23.46 -34.84
N SER D 157 3.86 22.41 -35.48
CA SER D 157 2.98 21.48 -36.18
C SER D 157 2.47 20.35 -35.30
N GLU D 158 1.16 20.18 -35.27
CA GLU D 158 0.55 19.13 -34.49
C GLU D 158 1.00 17.78 -35.05
N ARG D 159 1.45 16.92 -34.13
CA ARG D 159 1.92 15.60 -34.50
C ARG D 159 0.90 14.59 -33.99
N GLN D 160 0.39 13.77 -34.91
CA GLN D 160 -0.59 12.75 -34.57
C GLN D 160 -0.11 11.43 -35.13
N ASN D 161 0.79 10.79 -34.38
CA ASN D 161 1.41 9.51 -34.72
C ASN D 161 2.71 9.37 -33.92
N GLY D 162 2.94 8.18 -33.38
CA GLY D 162 4.12 7.93 -32.57
C GLY D 162 3.93 8.39 -31.13
N VAL D 163 2.68 8.66 -30.75
CA VAL D 163 2.38 9.11 -29.39
C VAL D 163 1.64 8.03 -28.59
N LEU D 164 2.05 7.80 -27.35
CA LEU D 164 1.39 6.80 -26.50
C LEU D 164 0.90 7.48 -25.22
N ASN D 165 -0.31 7.16 -24.81
CA ASN D 165 -0.88 7.76 -23.61
C ASN D 165 -1.27 6.70 -22.58
N SER D 166 -1.27 7.09 -21.31
CA SER D 166 -1.64 6.20 -20.22
C SER D 166 -2.08 6.96 -18.98
N TRP D 167 -3.24 6.58 -18.44
CA TRP D 167 -3.80 7.18 -17.22
C TRP D 167 -3.67 6.25 -16.03
N THR D 168 -3.51 6.85 -14.87
CA THR D 168 -3.43 6.16 -13.62
C THR D 168 -4.90 5.96 -13.25
N ASP D 169 -5.19 5.07 -12.30
CA ASP D 169 -6.56 4.89 -11.82
C ASP D 169 -6.71 6.02 -10.78
N GLN D 170 -7.92 6.29 -10.34
CA GLN D 170 -8.14 7.34 -9.34
C GLN D 170 -7.26 7.10 -8.11
N ASP D 171 -6.46 8.08 -7.75
CA ASP D 171 -5.56 7.95 -6.60
C ASP D 171 -6.29 7.78 -5.26
N SER D 172 -5.76 6.84 -4.49
CA SER D 172 -6.29 6.48 -3.17
C SER D 172 -6.24 7.61 -2.12
N LYS D 173 -5.23 8.46 -2.20
CA LYS D 173 -5.09 9.53 -1.23
C LYS D 173 -5.74 10.87 -1.55
N ASP D 174 -5.80 11.27 -2.82
CA ASP D 174 -6.46 12.55 -3.11
C ASP D 174 -7.53 12.53 -4.20
N SER D 175 -7.93 11.31 -4.61
CA SER D 175 -8.95 11.08 -5.64
C SER D 175 -8.72 11.74 -6.99
N THR D 176 -7.46 11.99 -7.32
CA THR D 176 -7.13 12.59 -8.61
C THR D 176 -6.71 11.53 -9.60
N TYR D 177 -6.44 11.97 -10.82
CA TYR D 177 -5.95 11.10 -11.88
C TYR D 177 -4.61 11.68 -12.34
N SER D 178 -3.90 10.92 -13.16
CA SER D 178 -2.64 11.34 -13.72
C SER D 178 -2.56 10.71 -15.09
N MET D 179 -1.79 11.31 -15.99
CA MET D 179 -1.65 10.73 -17.32
C MET D 179 -0.26 11.05 -17.84
N SER D 180 0.26 10.12 -18.65
CA SER D 180 1.56 10.24 -19.29
C SER D 180 1.37 10.12 -20.81
N SER D 181 2.17 10.86 -21.57
CA SER D 181 2.07 10.82 -23.02
C SER D 181 3.49 10.87 -23.56
N THR D 182 3.83 9.93 -24.42
CA THR D 182 5.16 9.87 -25.00
C THR D 182 5.10 9.93 -26.52
N LEU D 183 5.85 10.88 -27.06
CA LEU D 183 5.98 11.11 -28.48
C LEU D 183 7.34 10.54 -28.86
N THR D 184 7.31 9.46 -29.63
CA THR D 184 8.53 8.80 -30.06
C THR D 184 8.85 9.03 -31.54
N LEU D 185 10.11 9.35 -31.82
CA LEU D 185 10.56 9.57 -33.17
C LEU D 185 12.02 9.16 -33.22
N THR D 186 12.60 9.18 -34.42
CA THR D 186 13.99 8.82 -34.57
C THR D 186 14.84 9.99 -34.12
N LYS D 187 16.08 9.69 -33.74
CA LYS D 187 17.02 10.70 -33.30
C LYS D 187 17.23 11.68 -34.48
N ASP D 188 17.26 11.13 -35.70
CA ASP D 188 17.43 11.89 -36.94
C ASP D 188 16.35 12.94 -37.14
N GLU D 189 15.08 12.58 -36.95
CA GLU D 189 14.03 13.58 -37.13
C GLU D 189 14.00 14.53 -35.94
N TYR D 190 14.46 14.04 -34.79
CA TYR D 190 14.52 14.86 -33.58
C TYR D 190 15.55 15.99 -33.81
N GLU D 191 16.65 15.66 -34.46
CA GLU D 191 17.66 16.67 -34.73
C GLU D 191 17.32 17.55 -35.93
N ARG D 192 16.17 17.32 -36.54
CA ARG D 192 15.76 18.10 -37.68
C ARG D 192 14.76 19.16 -37.23
N HIS D 193 14.45 19.17 -35.93
CA HIS D 193 13.51 20.14 -35.40
C HIS D 193 14.02 20.92 -34.21
N ASN D 194 13.29 21.97 -33.83
CA ASN D 194 13.71 22.85 -32.73
C ASN D 194 12.89 22.82 -31.46
N SER D 195 11.59 23.06 -31.56
CA SER D 195 10.73 23.11 -30.40
C SER D 195 9.77 21.99 -30.31
N TYR D 196 9.60 21.50 -29.07
CA TYR D 196 8.71 20.39 -28.72
C TYR D 196 7.77 20.87 -27.63
N THR D 197 6.49 20.61 -27.81
CA THR D 197 5.46 21.10 -26.90
C THR D 197 4.33 20.13 -26.70
N CYS D 198 3.78 20.08 -25.51
CA CYS D 198 2.60 19.27 -25.29
C CYS D 198 1.62 20.23 -24.64
N GLU D 199 0.41 20.27 -25.18
CA GLU D 199 -0.61 21.15 -24.64
C GLU D 199 -1.68 20.29 -24.01
N ALA D 200 -2.18 20.73 -22.86
CA ALA D 200 -3.19 19.97 -22.14
C ALA D 200 -4.47 20.78 -22.03
N THR D 201 -5.57 20.21 -22.49
CA THR D 201 -6.84 20.88 -22.37
C THR D 201 -7.63 20.12 -21.33
N HIS D 202 -8.03 20.81 -20.27
CA HIS D 202 -8.79 20.20 -19.19
C HIS D 202 -9.92 21.13 -18.77
N LYS D 203 -11.03 20.54 -18.34
CA LYS D 203 -12.23 21.26 -17.90
C LYS D 203 -11.97 22.45 -16.98
N THR D 204 -10.81 22.46 -16.33
CA THR D 204 -10.49 23.54 -15.42
C THR D 204 -10.22 24.89 -16.09
N SER D 205 -9.99 24.90 -17.41
CA SER D 205 -9.74 26.15 -18.12
C SER D 205 -9.94 26.01 -19.62
N THR D 206 -10.10 27.15 -20.30
CA THR D 206 -10.29 27.17 -21.75
C THR D 206 -8.95 27.36 -22.47
N SER D 207 -7.97 27.85 -21.72
CA SER D 207 -6.62 28.06 -22.23
C SER D 207 -5.79 26.87 -21.78
N PRO D 208 -5.25 26.10 -22.74
CA PRO D 208 -4.44 24.93 -22.42
C PRO D 208 -3.17 25.21 -21.66
N ILE D 209 -2.75 24.22 -20.89
CA ILE D 209 -1.51 24.34 -20.15
C ILE D 209 -0.49 23.87 -21.20
N VAL D 210 0.51 24.70 -21.44
CA VAL D 210 1.53 24.42 -22.45
C VAL D 210 2.91 24.31 -21.83
N LYS D 211 3.63 23.24 -22.16
CA LYS D 211 5.00 23.01 -21.69
C LYS D 211 5.81 22.75 -22.95
N SER D 212 6.99 23.35 -23.05
CA SER D 212 7.79 23.18 -24.23
C SER D 212 9.27 23.25 -23.91
N PHE D 213 10.10 22.83 -24.85
CA PHE D 213 11.52 22.90 -24.70
C PHE D 213 12.09 22.98 -26.10
N ASN D 214 13.27 23.57 -26.23
CA ASN D 214 13.91 23.66 -27.53
C ASN D 214 15.05 22.69 -27.32
N ARG D 215 15.48 22.00 -28.37
CA ARG D 215 16.56 21.05 -28.20
C ARG D 215 17.94 21.70 -28.23
N ASN D 216 18.03 22.87 -28.86
CA ASN D 216 19.29 23.59 -28.93
C ASN D 216 19.64 24.06 -27.52
N GLU D 217 18.66 24.05 -26.64
CA GLU D 217 18.91 24.48 -25.27
C GLU D 217 17.72 25.08 -24.57
N CYS D 218 16.81 24.21 -24.13
CA CYS D 218 15.61 24.62 -23.41
C CYS D 218 14.72 25.74 -23.94
N ASP E 1 -6.01 -17.00 8.57
CA ASP E 1 -7.27 -17.20 7.83
C ASP E 1 -7.04 -17.94 6.53
N VAL E 2 -8.10 -18.00 5.72
CA VAL E 2 -8.09 -18.63 4.39
C VAL E 2 -7.03 -17.95 3.53
N GLN E 3 -6.20 -18.73 2.86
CA GLN E 3 -5.17 -18.18 1.99
C GLN E 3 -5.14 -19.02 0.73
N LEU E 4 -5.18 -18.35 -0.42
CA LEU E 4 -5.16 -18.98 -1.76
C LEU E 4 -4.06 -18.35 -2.58
N VAL E 5 -3.06 -19.12 -2.94
CA VAL E 5 -1.95 -18.57 -3.72
C VAL E 5 -1.69 -19.28 -5.05
N GLU E 6 -2.10 -18.63 -6.14
CA GLU E 6 -1.92 -19.15 -7.49
C GLU E 6 -0.49 -19.03 -7.99
N SER E 7 -0.09 -19.98 -8.84
CA SER E 7 1.24 -19.95 -9.46
C SER E 7 1.16 -20.62 -10.83
N GLY E 8 2.24 -20.57 -11.60
CA GLY E 8 2.27 -21.23 -12.89
C GLY E 8 2.09 -20.39 -14.13
N GLY E 9 1.68 -19.14 -13.97
CA GLY E 9 1.43 -18.25 -15.10
C GLY E 9 2.68 -17.83 -15.85
N GLY E 10 2.49 -17.08 -16.92
CA GLY E 10 3.62 -16.65 -17.72
C GLY E 10 3.26 -16.57 -19.19
N LEU E 11 4.26 -16.36 -20.03
CA LEU E 11 4.02 -16.26 -21.46
C LEU E 11 4.05 -17.66 -22.09
N VAL E 12 3.02 -17.97 -22.86
CA VAL E 12 2.91 -19.24 -23.53
C VAL E 12 2.62 -18.97 -25.00
N GLN E 13 3.24 -19.73 -25.87
CA GLN E 13 3.01 -19.58 -27.31
C GLN E 13 1.63 -20.13 -27.63
N PRO E 14 0.97 -19.55 -28.66
CA PRO E 14 -0.37 -19.96 -29.10
C PRO E 14 -0.27 -21.46 -29.43
N GLY E 15 -1.24 -22.24 -28.99
CA GLY E 15 -1.21 -23.68 -29.21
C GLY E 15 -0.50 -24.39 -28.06
N GLY E 16 0.16 -23.63 -27.18
CA GLY E 16 0.86 -24.24 -26.08
C GLY E 16 -0.02 -24.74 -24.95
N SER E 17 0.60 -25.45 -24.01
CA SER E 17 -0.07 -26.00 -22.83
C SER E 17 0.52 -25.30 -21.59
N ARG E 18 -0.26 -25.22 -20.52
CA ARG E 18 0.22 -24.60 -19.28
C ARG E 18 -0.62 -25.07 -18.11
N LYS E 19 0.03 -25.51 -17.03
CA LYS E 19 -0.72 -25.92 -15.86
C LYS E 19 -0.50 -24.91 -14.72
N LEU E 20 -1.60 -24.37 -14.22
CA LEU E 20 -1.57 -23.39 -13.14
C LEU E 20 -1.95 -24.12 -11.87
N SER E 21 -1.38 -23.69 -10.77
CA SER E 21 -1.67 -24.29 -9.48
C SER E 21 -2.24 -23.22 -8.54
N CYS E 22 -2.86 -23.67 -7.46
CA CYS E 22 -3.45 -22.78 -6.48
C CYS E 22 -3.26 -23.41 -5.10
N ALA E 23 -2.29 -22.89 -4.34
CA ALA E 23 -1.95 -23.36 -2.98
C ALA E 23 -2.95 -22.82 -1.96
N ALA E 24 -3.63 -23.70 -1.24
CA ALA E 24 -4.62 -23.31 -0.24
C ALA E 24 -4.15 -23.53 1.20
N SER E 25 -4.55 -22.67 2.11
CA SER E 25 -4.16 -22.83 3.50
C SER E 25 -5.03 -22.00 4.40
N GLY E 26 -5.10 -22.38 5.67
CA GLY E 26 -5.91 -21.65 6.62
C GLY E 26 -7.37 -22.06 6.66
N PHE E 27 -7.68 -23.21 6.09
CA PHE E 27 -9.04 -23.76 6.09
C PHE E 27 -8.96 -25.22 5.67
N THR E 28 -10.06 -25.96 5.85
CA THR E 28 -10.09 -27.37 5.50
C THR E 28 -10.44 -27.48 4.03
N PHE E 29 -9.40 -27.42 3.21
CA PHE E 29 -9.50 -27.50 1.75
C PHE E 29 -10.51 -28.55 1.26
N MET E 30 -10.39 -29.79 1.74
CA MET E 30 -11.28 -30.86 1.31
C MET E 30 -12.77 -30.66 1.60
N ARG E 31 -13.06 -29.68 2.45
CA ARG E 31 -14.43 -29.38 2.80
C ARG E 31 -15.13 -28.50 1.76
N PHE E 32 -14.34 -27.89 0.86
CA PHE E 32 -14.92 -26.94 -0.09
C PHE E 32 -14.69 -27.18 -1.58
N GLY E 33 -15.69 -26.78 -2.36
CA GLY E 33 -15.59 -26.85 -3.81
C GLY E 33 -14.77 -25.62 -4.19
N MET E 34 -14.10 -25.64 -5.34
CA MET E 34 -13.25 -24.53 -5.78
C MET E 34 -13.55 -24.10 -7.22
N HIS E 35 -13.19 -22.86 -7.56
CA HIS E 35 -13.36 -22.30 -8.91
C HIS E 35 -12.09 -21.64 -9.47
N TRP E 36 -12.05 -21.49 -10.79
CA TRP E 36 -11.00 -20.75 -11.45
C TRP E 36 -11.85 -19.73 -12.19
N VAL E 37 -11.49 -18.47 -12.05
CA VAL E 37 -12.20 -17.35 -12.69
C VAL E 37 -11.07 -16.51 -13.28
N ARG E 38 -11.25 -16.04 -14.53
CA ARG E 38 -10.23 -15.22 -15.16
C ARG E 38 -10.72 -13.81 -15.47
N GLN E 39 -9.79 -12.86 -15.56
CA GLN E 39 -10.14 -11.48 -15.87
C GLN E 39 -9.13 -11.04 -16.90
N ALA E 40 -9.61 -10.77 -18.12
CA ALA E 40 -8.76 -10.41 -19.24
C ALA E 40 -8.48 -8.92 -19.34
N PRO E 41 -7.51 -8.55 -20.20
CA PRO E 41 -7.21 -7.12 -20.33
C PRO E 41 -8.48 -6.56 -20.94
N GLU E 42 -9.10 -5.60 -20.25
CA GLU E 42 -10.37 -5.02 -20.69
C GLU E 42 -11.42 -6.11 -20.85
N LYS E 43 -11.95 -6.51 -19.71
CA LYS E 43 -12.99 -7.52 -19.61
C LYS E 43 -13.27 -7.58 -18.13
N GLY E 44 -14.45 -8.07 -17.81
CA GLY E 44 -14.77 -8.21 -16.41
C GLY E 44 -14.24 -9.56 -16.03
N LEU E 45 -14.93 -10.18 -15.09
CA LEU E 45 -14.54 -11.49 -14.63
C LEU E 45 -15.26 -12.46 -15.57
N GLU E 46 -14.71 -13.66 -15.69
CA GLU E 46 -15.32 -14.66 -16.52
C GLU E 46 -15.05 -16.01 -15.87
N TRP E 47 -16.13 -16.66 -15.40
CA TRP E 47 -15.99 -17.97 -14.76
C TRP E 47 -15.33 -18.98 -15.73
N VAL E 48 -14.41 -19.77 -15.21
CA VAL E 48 -13.69 -20.76 -16.02
C VAL E 48 -14.06 -22.23 -15.78
N ALA E 49 -13.98 -22.69 -14.54
CA ALA E 49 -14.28 -24.08 -14.23
C ALA E 49 -14.61 -24.27 -12.74
N TYR E 50 -15.34 -25.32 -12.43
CA TYR E 50 -15.73 -25.65 -11.06
C TYR E 50 -15.37 -27.10 -10.72
N ILE E 51 -15.04 -27.35 -9.45
CA ILE E 51 -14.75 -28.70 -8.97
C ILE E 51 -15.24 -28.81 -7.52
N SER E 52 -16.08 -29.81 -7.26
CA SER E 52 -16.64 -30.03 -5.92
C SER E 52 -15.56 -30.52 -4.98
N SER E 53 -15.83 -30.44 -3.68
CA SER E 53 -14.86 -30.82 -2.65
C SER E 53 -14.17 -32.16 -2.86
N GLY E 54 -14.88 -33.09 -3.51
CA GLY E 54 -14.32 -34.40 -3.77
C GLY E 54 -14.26 -34.71 -5.25
N SER E 55 -14.33 -33.67 -6.08
CA SER E 55 -14.22 -33.83 -7.53
C SER E 55 -15.36 -34.58 -8.20
N SER E 56 -16.42 -34.86 -7.45
CA SER E 56 -17.56 -35.60 -7.98
C SER E 56 -18.29 -34.79 -9.04
N THR E 57 -18.22 -33.46 -8.91
CA THR E 57 -18.84 -32.54 -9.84
C THR E 57 -17.83 -31.58 -10.41
N ILE E 58 -17.86 -31.43 -11.72
CA ILE E 58 -16.96 -30.54 -12.45
C ILE E 58 -17.77 -29.87 -13.54
N TYR E 59 -17.60 -28.57 -13.68
CA TYR E 59 -18.31 -27.85 -14.73
C TYR E 59 -17.26 -27.00 -15.37
N TYR E 60 -17.37 -26.78 -16.68
CA TYR E 60 -16.43 -25.93 -17.40
C TYR E 60 -17.21 -24.84 -18.13
N ALA E 61 -16.52 -23.79 -18.53
CA ALA E 61 -17.12 -22.72 -19.34
C ALA E 61 -17.02 -23.27 -20.78
N ASP E 62 -17.99 -22.98 -21.63
CA ASP E 62 -17.98 -23.50 -23.00
C ASP E 62 -16.77 -23.06 -23.80
N THR E 63 -16.21 -21.92 -23.43
CA THR E 63 -15.02 -21.34 -24.08
C THR E 63 -13.78 -22.17 -23.80
N VAL E 64 -13.80 -22.86 -22.67
CA VAL E 64 -12.68 -23.66 -22.22
C VAL E 64 -12.92 -25.18 -22.39
N LYS E 65 -14.21 -25.54 -22.42
CA LYS E 65 -14.76 -26.88 -22.54
C LYS E 65 -13.83 -28.06 -22.82
N GLY E 66 -13.29 -28.11 -24.03
CA GLY E 66 -12.44 -29.23 -24.40
C GLY E 66 -10.93 -29.05 -24.42
N ARG E 67 -10.40 -28.03 -23.76
CA ARG E 67 -8.94 -27.81 -23.76
C ARG E 67 -8.36 -27.81 -22.35
N PHE E 68 -9.13 -27.25 -21.41
CA PHE E 68 -8.70 -27.14 -20.02
C PHE E 68 -9.23 -28.28 -19.17
N THR E 69 -8.57 -28.53 -18.05
CA THR E 69 -8.99 -29.57 -17.13
C THR E 69 -8.73 -29.14 -15.68
N ILE E 70 -9.78 -29.16 -14.88
CA ILE E 70 -9.68 -28.80 -13.49
C ILE E 70 -9.53 -30.09 -12.68
N SER E 71 -8.67 -30.05 -11.68
CA SER E 71 -8.46 -31.21 -10.81
C SER E 71 -7.91 -30.69 -9.48
N ARG E 72 -7.97 -31.53 -8.45
CA ARG E 72 -7.49 -31.15 -7.13
C ARG E 72 -6.80 -32.31 -6.44
N ASP E 73 -6.01 -32.00 -5.42
CA ASP E 73 -5.33 -33.00 -4.61
C ASP E 73 -5.50 -32.53 -3.18
N ASN E 74 -6.57 -33.02 -2.56
CA ASN E 74 -6.91 -32.65 -1.20
C ASN E 74 -5.80 -32.77 -0.18
N PRO E 75 -5.14 -33.94 -0.06
CA PRO E 75 -4.06 -34.05 0.92
C PRO E 75 -2.90 -33.05 0.69
N LYS E 76 -2.70 -32.61 -0.55
CA LYS E 76 -1.67 -31.65 -0.84
C LYS E 76 -2.20 -30.23 -0.76
N ASN E 77 -3.51 -30.11 -0.53
CA ASN E 77 -4.17 -28.81 -0.44
C ASN E 77 -3.89 -27.95 -1.68
N THR E 78 -4.03 -28.55 -2.87
CA THR E 78 -3.77 -27.83 -4.13
C THR E 78 -4.81 -28.08 -5.19
N LEU E 79 -5.09 -27.03 -5.98
CA LEU E 79 -6.04 -27.04 -7.09
C LEU E 79 -5.20 -26.77 -8.34
N PHE E 80 -5.57 -27.41 -9.45
CA PHE E 80 -4.84 -27.23 -10.69
C PHE E 80 -5.78 -26.92 -11.85
N LEU E 81 -5.22 -26.34 -12.90
CA LEU E 81 -5.96 -26.03 -14.11
C LEU E 81 -4.93 -26.32 -15.18
N GLN E 82 -5.20 -27.34 -15.98
CA GLN E 82 -4.30 -27.67 -17.06
C GLN E 82 -4.94 -27.05 -18.27
N MET E 83 -4.13 -26.31 -19.02
CA MET E 83 -4.61 -25.63 -20.21
C MET E 83 -3.81 -26.17 -21.40
N THR E 84 -4.48 -26.38 -22.53
CA THR E 84 -3.85 -26.86 -23.75
C THR E 84 -4.47 -26.06 -24.91
N SER E 85 -3.83 -26.16 -26.08
CA SER E 85 -4.29 -25.48 -27.28
C SER E 85 -4.61 -24.06 -26.88
N LEU E 86 -3.65 -23.42 -26.23
CA LEU E 86 -3.82 -22.05 -25.78
C LEU E 86 -4.06 -21.07 -26.93
N ARG E 87 -5.00 -20.16 -26.75
CA ARG E 87 -5.38 -19.18 -27.75
C ARG E 87 -5.14 -17.79 -27.22
N SER E 88 -4.95 -16.83 -28.11
CA SER E 88 -4.70 -15.46 -27.71
C SER E 88 -5.76 -15.01 -26.72
N GLU E 89 -6.98 -15.53 -26.90
CA GLU E 89 -8.12 -15.21 -26.05
C GLU E 89 -8.03 -15.76 -24.60
N ASP E 90 -7.10 -16.67 -24.35
CA ASP E 90 -6.95 -17.19 -23.02
C ASP E 90 -6.05 -16.26 -22.18
N THR E 91 -5.47 -15.25 -22.82
CA THR E 91 -4.62 -14.29 -22.13
C THR E 91 -5.43 -13.57 -21.07
N ALA E 92 -5.07 -13.78 -19.81
CA ALA E 92 -5.77 -13.17 -18.69
C ALA E 92 -5.10 -13.51 -17.39
N LEU E 93 -5.61 -12.94 -16.30
CA LEU E 93 -5.11 -13.19 -14.96
C LEU E 93 -6.10 -14.23 -14.41
N TYR E 94 -5.55 -15.36 -13.97
CA TYR E 94 -6.32 -16.47 -13.45
C TYR E 94 -6.39 -16.52 -11.92
N TYR E 95 -7.61 -16.47 -11.39
CA TYR E 95 -7.88 -16.53 -9.94
C TYR E 95 -8.52 -17.86 -9.54
N CYS E 96 -8.14 -18.41 -8.40
CA CYS E 96 -8.87 -19.58 -7.91
C CYS E 96 -9.67 -18.91 -6.80
N ALA E 97 -10.92 -19.33 -6.62
CA ALA E 97 -11.81 -18.79 -5.61
C ALA E 97 -12.49 -19.96 -4.88
N ARG E 98 -12.65 -19.82 -3.57
CA ARG E 98 -13.29 -20.86 -2.77
C ARG E 98 -14.80 -20.72 -2.82
N SER E 99 -15.48 -21.85 -2.91
CA SER E 99 -16.94 -21.85 -2.88
C SER E 99 -17.26 -22.02 -1.40
N GLY E 100 -17.59 -20.92 -0.74
CA GLY E 100 -17.88 -21.02 0.67
C GLY E 100 -19.36 -21.19 0.87
N GLY E 101 -19.73 -22.07 1.79
CA GLY E 101 -21.14 -22.30 2.08
C GLY E 101 -21.59 -21.43 3.22
N ILE E 102 -22.79 -20.89 3.12
CA ILE E 102 -23.32 -20.03 4.16
C ILE E 102 -24.59 -20.75 4.56
N GLU E 103 -24.58 -21.31 5.76
CA GLU E 103 -25.74 -22.03 6.22
C GLU E 103 -26.91 -21.12 6.59
N ARG E 104 -27.91 -21.12 5.72
CA ARG E 104 -29.11 -20.35 5.93
C ARG E 104 -30.01 -21.26 6.76
N TYR E 105 -31.30 -20.92 6.83
CA TYR E 105 -32.22 -21.75 7.57
C TYR E 105 -32.43 -22.98 6.67
N ASP E 106 -33.03 -22.72 5.50
CA ASP E 106 -33.35 -23.72 4.50
C ASP E 106 -32.18 -24.57 3.98
N GLY E 107 -30.96 -24.12 4.20
CA GLY E 107 -29.83 -24.89 3.73
C GLY E 107 -28.55 -24.09 3.65
N THR E 108 -27.73 -24.35 2.66
CA THR E 108 -26.50 -23.62 2.53
C THR E 108 -26.32 -23.09 1.12
N TYR E 109 -26.08 -21.78 1.07
CA TYR E 109 -25.89 -21.02 -0.16
C TYR E 109 -24.39 -20.91 -0.39
N TYR E 110 -23.93 -21.31 -1.56
CA TYR E 110 -22.52 -21.24 -1.92
C TYR E 110 -22.20 -20.01 -2.78
N VAL E 111 -21.07 -19.37 -2.49
CA VAL E 111 -20.64 -18.16 -3.19
C VAL E 111 -19.11 -18.10 -3.17
N MET E 112 -18.51 -17.46 -4.17
CA MET E 112 -17.06 -17.31 -4.24
C MET E 112 -16.67 -16.27 -3.18
N ASP E 113 -16.33 -16.78 -2.00
CA ASP E 113 -16.01 -15.93 -0.86
C ASP E 113 -14.56 -15.53 -0.62
N TYR E 114 -13.64 -16.28 -1.20
CA TYR E 114 -12.22 -15.99 -1.05
C TYR E 114 -11.53 -16.21 -2.37
N TRP E 115 -10.77 -15.22 -2.79
CA TRP E 115 -10.05 -15.24 -4.06
C TRP E 115 -8.58 -15.01 -3.81
N GLY E 116 -7.73 -15.60 -4.63
CA GLY E 116 -6.31 -15.34 -4.48
C GLY E 116 -5.97 -14.09 -5.29
N GLN E 117 -4.69 -13.79 -5.40
CA GLN E 117 -4.21 -12.64 -6.14
C GLN E 117 -4.06 -12.91 -7.66
N GLY E 118 -4.21 -14.17 -8.08
CA GLY E 118 -4.07 -14.53 -9.49
C GLY E 118 -2.67 -14.60 -10.07
N THR E 119 -2.56 -15.29 -11.20
CA THR E 119 -1.31 -15.40 -11.96
C THR E 119 -1.67 -15.01 -13.40
N SER E 120 -0.81 -14.23 -14.01
CA SER E 120 -1.04 -13.77 -15.36
C SER E 120 -0.60 -14.81 -16.36
N VAL E 121 -1.42 -14.95 -17.40
CA VAL E 121 -1.12 -15.86 -18.50
C VAL E 121 -1.14 -15.01 -19.76
N THR E 122 -0.06 -15.05 -20.52
CA THR E 122 -0.02 -14.29 -21.77
C THR E 122 0.20 -15.29 -22.92
N VAL E 123 -0.76 -15.39 -23.83
CA VAL E 123 -0.60 -16.28 -24.96
C VAL E 123 -0.12 -15.44 -26.14
N SER E 124 1.13 -15.60 -26.52
CA SER E 124 1.69 -14.84 -27.63
C SER E 124 2.98 -15.46 -28.18
N SER E 125 3.35 -15.01 -29.37
CA SER E 125 4.57 -15.49 -30.02
C SER E 125 5.71 -14.47 -29.91
N ALA E 126 5.39 -13.26 -29.44
CA ALA E 126 6.40 -12.21 -29.28
C ALA E 126 7.46 -12.71 -28.32
N LYS E 127 8.70 -12.35 -28.60
CA LYS E 127 9.81 -12.78 -27.77
C LYS E 127 10.05 -11.88 -26.57
N THR E 128 10.48 -12.53 -25.49
CA THR E 128 10.80 -11.85 -24.25
C THR E 128 11.99 -10.93 -24.45
N THR E 129 11.76 -9.66 -24.18
CA THR E 129 12.76 -8.63 -24.37
C THR E 129 12.79 -7.82 -23.11
N PRO E 130 14.00 -7.57 -22.53
CA PRO E 130 14.20 -6.80 -21.32
C PRO E 130 13.99 -5.33 -21.69
N PRO E 131 13.67 -4.47 -20.72
CA PRO E 131 13.45 -3.06 -21.07
C PRO E 131 14.64 -2.16 -21.11
N SER E 132 14.51 -1.11 -21.90
CA SER E 132 15.55 -0.10 -21.91
C SER E 132 14.96 0.86 -20.90
N VAL E 133 15.78 1.36 -19.99
CA VAL E 133 15.35 2.29 -18.97
C VAL E 133 16.07 3.62 -19.13
N TYR E 134 15.30 4.66 -19.42
CA TYR E 134 15.88 5.96 -19.64
C TYR E 134 15.52 6.94 -18.53
N PRO E 135 16.49 7.76 -18.12
CA PRO E 135 16.32 8.78 -17.08
C PRO E 135 15.53 9.93 -17.67
N LEU E 136 14.57 10.43 -16.89
CA LEU E 136 13.78 11.57 -17.33
C LEU E 136 14.18 12.78 -16.46
N ALA E 137 15.05 13.61 -17.02
CA ALA E 137 15.55 14.80 -16.35
C ALA E 137 15.05 16.04 -17.08
N PRO E 138 14.60 17.04 -16.31
CA PRO E 138 14.07 18.29 -16.88
C PRO E 138 15.10 19.05 -17.70
N GLY E 139 14.63 19.75 -18.73
CA GLY E 139 15.48 20.52 -19.60
C GLY E 139 15.95 21.73 -18.83
N SER E 140 17.07 22.31 -19.26
CA SER E 140 17.69 23.49 -18.62
C SER E 140 16.74 24.66 -18.42
N ALA E 141 16.00 25.01 -19.48
CA ALA E 141 15.07 26.12 -19.41
C ALA E 141 13.85 25.84 -18.54
N ALA E 142 13.75 24.63 -18.01
CA ALA E 142 12.61 24.29 -17.16
C ALA E 142 12.72 24.97 -15.80
N GLN E 143 11.74 25.78 -15.50
CA GLN E 143 11.74 26.45 -14.21
C GLN E 143 11.27 25.40 -13.22
N THR E 144 11.12 25.79 -11.96
CA THR E 144 10.65 24.89 -10.91
C THR E 144 10.44 25.61 -9.58
N ASN E 145 9.42 25.20 -8.84
CA ASN E 145 9.12 25.79 -7.55
C ASN E 145 9.85 24.99 -6.48
N SER E 146 9.25 24.80 -5.32
CA SER E 146 9.91 24.07 -4.24
C SER E 146 10.11 22.60 -4.54
N MET E 147 9.36 22.10 -5.52
CA MET E 147 9.38 20.69 -5.92
C MET E 147 9.79 20.51 -7.37
N VAL E 148 10.52 19.43 -7.68
CA VAL E 148 10.90 19.08 -9.06
C VAL E 148 10.41 17.68 -9.40
N THR E 149 9.99 17.47 -10.64
CA THR E 149 9.53 16.14 -11.05
C THR E 149 10.53 15.50 -12.01
N LEU E 150 10.87 14.25 -11.74
CA LEU E 150 11.77 13.46 -12.56
C LEU E 150 10.97 12.25 -13.04
N GLY E 151 11.64 11.32 -13.71
CA GLY E 151 10.91 10.15 -14.17
C GLY E 151 11.80 9.13 -14.86
N CYS E 152 11.22 8.00 -15.24
CA CYS E 152 11.93 6.94 -15.95
C CYS E 152 10.98 6.39 -17.01
N LEU E 153 11.52 6.20 -18.21
CA LEU E 153 10.76 5.64 -19.32
C LEU E 153 11.35 4.25 -19.47
N VAL E 154 10.50 3.25 -19.33
CA VAL E 154 10.87 1.84 -19.40
C VAL E 154 10.25 1.37 -20.71
N LYS E 155 11.02 1.36 -21.77
CA LYS E 155 10.41 0.97 -23.02
C LYS E 155 10.97 -0.19 -23.79
N GLY E 156 10.09 -0.79 -24.59
CA GLY E 156 10.49 -1.90 -25.44
C GLY E 156 10.69 -3.25 -24.81
N TYR E 157 9.85 -3.60 -23.84
CA TYR E 157 9.97 -4.89 -23.18
C TYR E 157 8.77 -5.79 -23.48
N PHE E 158 8.91 -7.06 -23.19
CA PHE E 158 7.83 -8.00 -23.39
C PHE E 158 8.25 -9.28 -22.66
N PRO E 159 7.32 -9.90 -21.90
CA PRO E 159 5.93 -9.48 -21.70
C PRO E 159 5.83 -8.69 -20.42
N GLU E 160 4.61 -8.52 -19.94
CA GLU E 160 4.38 -7.85 -18.69
C GLU E 160 4.67 -8.97 -17.66
N PRO E 161 4.92 -8.62 -16.39
CA PRO E 161 4.96 -7.26 -15.88
C PRO E 161 6.39 -6.75 -15.73
N VAL E 162 6.48 -5.66 -14.98
CA VAL E 162 7.73 -4.99 -14.67
C VAL E 162 7.41 -4.36 -13.30
N THR E 163 8.41 -4.07 -12.48
CA THR E 163 8.13 -3.42 -11.19
C THR E 163 9.11 -2.27 -11.15
N VAL E 164 8.60 -1.10 -10.81
CA VAL E 164 9.44 0.08 -10.72
C VAL E 164 9.39 0.56 -9.30
N THR E 165 10.52 1.00 -8.77
CA THR E 165 10.54 1.59 -7.43
C THR E 165 11.46 2.78 -7.52
N TRP E 166 11.36 3.69 -6.57
CA TRP E 166 12.25 4.83 -6.59
C TRP E 166 13.08 4.80 -5.31
N ASN E 167 14.41 4.83 -5.43
CA ASN E 167 15.30 4.82 -4.28
C ASN E 167 15.02 3.57 -3.44
N SER E 168 14.88 2.45 -4.15
CA SER E 168 14.64 1.15 -3.56
C SER E 168 13.38 1.11 -2.72
N GLY E 169 12.40 1.94 -3.05
CA GLY E 169 11.17 1.95 -2.26
C GLY E 169 11.11 3.05 -1.21
N SER E 170 12.24 3.70 -0.93
CA SER E 170 12.25 4.79 0.03
C SER E 170 11.34 5.92 -0.48
N LEU E 171 11.56 6.35 -1.71
CA LEU E 171 10.77 7.40 -2.37
C LEU E 171 9.40 6.83 -2.74
N SER E 172 8.45 6.88 -1.83
CA SER E 172 7.12 6.33 -2.08
C SER E 172 6.06 7.37 -2.42
N SER E 173 6.09 8.49 -1.72
CA SER E 173 5.11 9.53 -1.98
C SER E 173 5.46 10.34 -3.22
N GLY E 174 4.44 10.88 -3.86
CA GLY E 174 4.64 11.68 -5.06
C GLY E 174 5.09 10.89 -6.28
N VAL E 175 4.85 9.58 -6.26
CA VAL E 175 5.23 8.68 -7.35
C VAL E 175 3.99 8.28 -8.15
N HIS E 176 4.12 8.25 -9.47
CA HIS E 176 3.03 7.83 -10.36
C HIS E 176 3.64 6.91 -11.43
N THR E 177 3.45 5.61 -11.25
CA THR E 177 3.96 4.65 -12.23
C THR E 177 2.75 4.32 -13.08
N PHE E 178 2.82 4.71 -14.35
CA PHE E 178 1.70 4.51 -15.26
C PHE E 178 1.57 3.11 -15.84
N PRO E 179 0.32 2.71 -16.15
CA PRO E 179 0.07 1.37 -16.74
C PRO E 179 0.83 1.26 -18.07
N ALA E 180 1.30 0.06 -18.37
CA ALA E 180 2.04 -0.18 -19.62
C ALA E 180 1.13 -0.12 -20.85
N VAL E 181 1.70 0.27 -21.99
CA VAL E 181 0.94 0.33 -23.24
C VAL E 181 1.64 -0.57 -24.26
N LEU E 182 0.88 -1.43 -24.91
CA LEU E 182 1.41 -2.38 -25.87
C LEU E 182 1.40 -1.86 -27.30
N GLN E 183 2.59 -1.74 -27.85
CA GLN E 183 2.72 -1.26 -29.20
C GLN E 183 3.52 -2.23 -30.05
N SER E 184 2.78 -3.04 -30.79
CA SER E 184 3.40 -3.98 -31.71
C SER E 184 4.45 -4.88 -31.07
N ASP E 185 3.97 -5.78 -30.20
CA ASP E 185 4.82 -6.76 -29.52
C ASP E 185 5.78 -6.20 -28.47
N LEU E 186 5.63 -4.94 -28.10
CA LEU E 186 6.52 -4.32 -27.13
C LEU E 186 5.80 -3.35 -26.22
N TYR E 187 6.09 -3.43 -24.92
CA TYR E 187 5.48 -2.54 -23.94
C TYR E 187 6.32 -1.36 -23.61
N THR E 188 5.64 -0.31 -23.17
CA THR E 188 6.26 0.90 -22.72
C THR E 188 5.48 1.40 -21.51
N LEU E 189 6.22 1.90 -20.53
CA LEU E 189 5.62 2.45 -19.31
C LEU E 189 6.51 3.62 -18.86
N SER E 190 6.00 4.46 -17.99
CA SER E 190 6.83 5.56 -17.51
C SER E 190 6.46 5.70 -16.05
N SER E 191 7.29 6.42 -15.31
CA SER E 191 7.04 6.64 -13.90
C SER E 191 7.66 7.95 -13.53
N SER E 192 6.92 8.75 -12.78
CA SER E 192 7.38 10.05 -12.32
C SER E 192 7.49 10.12 -10.79
N VAL E 193 8.28 11.06 -10.30
CA VAL E 193 8.46 11.32 -8.86
C VAL E 193 8.74 12.79 -8.62
N THR E 194 8.12 13.33 -7.57
CA THR E 194 8.34 14.71 -7.18
C THR E 194 9.18 14.68 -5.93
N VAL E 195 10.31 15.37 -5.98
CA VAL E 195 11.20 15.49 -4.84
C VAL E 195 11.44 16.99 -4.61
N PRO E 196 11.83 17.40 -3.39
CA PRO E 196 12.06 18.84 -3.23
C PRO E 196 13.20 19.27 -4.17
N SER E 197 13.12 20.48 -4.70
CA SER E 197 14.15 20.98 -5.59
C SER E 197 15.49 21.05 -4.90
N SER E 198 15.49 21.22 -3.57
CA SER E 198 16.72 21.28 -2.81
C SER E 198 17.53 19.98 -2.86
N PRO E 199 16.90 18.80 -2.62
CA PRO E 199 17.63 17.52 -2.67
C PRO E 199 18.00 17.00 -4.04
N ARG E 200 17.68 17.74 -5.10
CA ARG E 200 18.02 17.26 -6.43
C ARG E 200 18.75 18.31 -7.24
N PRO E 201 19.97 17.98 -7.68
CA PRO E 201 20.70 16.73 -7.50
C PRO E 201 21.55 16.47 -6.25
N SER E 202 21.40 17.27 -5.21
CA SER E 202 22.18 17.13 -3.98
C SER E 202 22.18 15.67 -3.52
N GLU E 203 21.00 15.10 -3.54
CA GLU E 203 20.81 13.73 -3.15
C GLU E 203 20.42 12.97 -4.40
N THR E 204 20.84 11.71 -4.45
CA THR E 204 20.60 10.84 -5.57
C THR E 204 19.15 10.34 -5.68
N VAL E 205 18.59 10.40 -6.89
CA VAL E 205 17.25 9.88 -7.17
C VAL E 205 17.52 8.83 -8.25
N THR E 206 17.03 7.62 -8.02
CA THR E 206 17.25 6.50 -8.95
C THR E 206 16.03 5.58 -9.03
N CYS E 207 15.70 5.13 -10.24
CA CYS E 207 14.58 4.21 -10.41
C CYS E 207 15.16 2.80 -10.57
N ASN E 208 14.51 1.86 -9.91
CA ASN E 208 14.91 0.47 -9.93
C ASN E 208 13.82 -0.21 -10.72
N VAL E 209 14.24 -0.90 -11.78
CA VAL E 209 13.32 -1.54 -12.70
C VAL E 209 13.60 -3.02 -12.88
N ALA E 210 12.67 -3.87 -12.45
CA ALA E 210 12.83 -5.31 -12.58
C ALA E 210 11.84 -5.86 -13.61
N HIS E 211 12.32 -6.78 -14.43
CA HIS E 211 11.51 -7.45 -15.46
C HIS E 211 11.68 -8.94 -15.23
N PRO E 212 10.77 -9.52 -14.44
CA PRO E 212 10.80 -10.95 -14.11
C PRO E 212 10.98 -11.96 -15.26
N ALA E 213 10.40 -11.70 -16.44
CA ALA E 213 10.54 -12.63 -17.54
C ALA E 213 11.97 -12.75 -18.03
N SER E 214 12.68 -11.65 -18.13
CA SER E 214 14.06 -11.72 -18.62
C SER E 214 15.06 -11.87 -17.50
N SER E 215 14.57 -11.94 -16.25
CA SER E 215 15.41 -12.06 -15.07
C SER E 215 16.30 -10.83 -15.00
N THR E 216 15.73 -9.68 -15.30
CA THR E 216 16.53 -8.48 -15.28
C THR E 216 16.06 -7.50 -14.21
N LYS E 217 17.03 -6.77 -13.66
CA LYS E 217 16.79 -5.78 -12.64
C LYS E 217 17.79 -4.70 -13.01
N VAL E 218 17.34 -3.47 -13.12
CA VAL E 218 18.20 -2.38 -13.53
C VAL E 218 17.94 -1.11 -12.74
N ASP E 219 19.00 -0.35 -12.48
CA ASP E 219 18.81 0.90 -11.74
C ASP E 219 19.20 2.01 -12.71
N LYS E 220 18.58 3.17 -12.53
CA LYS E 220 18.83 4.31 -13.38
C LYS E 220 18.83 5.60 -12.58
N LYS E 221 20.01 6.14 -12.35
CA LYS E 221 20.16 7.39 -11.63
C LYS E 221 19.82 8.52 -12.58
N ILE E 222 19.15 9.54 -12.07
CA ILE E 222 18.79 10.67 -12.89
C ILE E 222 19.76 11.78 -12.53
N VAL E 223 20.53 12.22 -13.51
CA VAL E 223 21.45 13.33 -13.30
C VAL E 223 21.04 14.41 -14.29
N PRO E 224 21.45 15.66 -14.03
CA PRO E 224 21.16 16.84 -14.86
C PRO E 224 21.53 16.70 -16.35
N MET F 1 -34.60 -28.41 -4.17
CA MET F 1 -33.60 -29.39 -4.66
C MET F 1 -32.21 -28.76 -4.62
N SER F 2 -31.21 -29.57 -4.87
CA SER F 2 -29.84 -29.13 -4.83
C SER F 2 -29.30 -28.68 -6.19
N LEU F 3 -28.46 -27.66 -6.14
CA LEU F 3 -27.79 -27.13 -7.32
C LEU F 3 -26.33 -27.16 -6.93
N PRO F 4 -25.59 -28.20 -7.39
CA PRO F 4 -24.16 -28.34 -7.07
C PRO F 4 -23.35 -27.03 -7.19
N GLY F 5 -22.64 -26.69 -6.12
CA GLY F 5 -21.84 -25.48 -6.10
C GLY F 5 -22.65 -24.22 -6.00
N ARG F 6 -23.93 -24.30 -5.66
CA ARG F 6 -24.72 -23.09 -5.58
C ARG F 6 -25.71 -23.12 -4.43
N TRP F 7 -26.38 -24.24 -4.25
CA TRP F 7 -27.36 -24.38 -3.17
C TRP F 7 -27.42 -25.82 -2.72
N LYS F 8 -27.52 -26.03 -1.41
CA LYS F 8 -27.62 -27.36 -0.84
C LYS F 8 -28.79 -27.36 0.16
N PRO F 9 -29.84 -28.15 -0.11
CA PRO F 9 -30.99 -28.20 0.80
C PRO F 9 -30.59 -28.81 2.15
N LYS F 10 -31.24 -28.35 3.21
CA LYS F 10 -30.97 -28.87 4.55
C LYS F 10 -31.23 -30.37 4.56
#